data_4DSG
#
_entry.id   4DSG
#
_cell.length_a   143.393
_cell.length_b   143.393
_cell.length_c   354.205
_cell.angle_alpha   90.000
_cell.angle_beta   90.000
_cell.angle_gamma   120.000
#
_symmetry.space_group_name_H-M   'P 65 2 2'
#
loop_
_entity.id
_entity.type
_entity.pdbx_description
1 polymer 'UDP-galactopyranose mutase'
2 non-polymer 'FLAVIN-ADENINE DINUCLEOTIDE'
3 non-polymer "URIDINE-5'-DIPHOSPHATE"
4 non-polymer 'SULFATE ION'
5 water water
#
_entity_poly.entity_id   1
_entity_poly.type   'polypeptide(L)'
_entity_poly.pdbx_seq_one_letter_code
;AIAMAELLTPKIVIIGAGPTGLGAAVRLTELGYKNWHLYECNDTPGGLSRSFLDENGFTWDLGGHVIFSHYQYFDDVMDW
AVQGWNVLQRESWVWVRGRWVPYPFQNNIHRLPEQDRKRCLDELVRSHARTYTEPPNNFEESFTRQFGEGIADIFMRPYN
FKVWAVPPCLMSTEWVEERVAPVDLERIRRNIQENRDDLGWGPNATFRFPQRGGTGIIYQAIKEKLPSEKLTFNSGFQAI
AIDADAKTITFSNGEVVSYDYLISTVPFDNLLRMTKGTGFKGYDEWPAIADKMVYSSTNVIGIGVKGTPPPHLKTACWLY
FPEDTSPFYRATVFSNYSKYNVPEGHWSLMLEVSESKYKPVNHSTLIEDCIVGCLASNLLLPEDLLVSKWHYRIEKGYPT
PFIGRNNLLEKAQPELMSRCIYSRGRFGAWRYEVGNQDHSFMQGVEAIDHVLGLATEETTVANPGRVNGTRATTHFGLLQ
KDMV
;
_entity_poly.pdbx_strand_id   A,B
#
loop_
_chem_comp.id
_chem_comp.type
_chem_comp.name
_chem_comp.formula
FAD non-polymer 'FLAVIN-ADENINE DINUCLEOTIDE' 'C27 H33 N9 O15 P2'
SO4 non-polymer 'SULFATE ION' 'O4 S -2'
UDP RNA linking URIDINE-5'-DIPHOSPHATE 'C9 H14 N2 O12 P2'
#
# COMPACT_ATOMS: atom_id res chain seq x y z
N LEU A 7 -31.18 24.04 -33.30
CA LEU A 7 -30.99 22.92 -34.21
C LEU A 7 -29.56 22.82 -34.70
N LEU A 8 -28.85 23.95 -34.73
CA LEU A 8 -27.48 23.98 -35.21
C LEU A 8 -26.46 23.79 -34.07
N THR A 9 -26.83 24.17 -32.85
CA THR A 9 -25.92 24.05 -31.73
C THR A 9 -25.82 22.62 -31.18
N PRO A 10 -24.60 22.21 -30.80
CA PRO A 10 -24.32 20.88 -30.23
C PRO A 10 -25.10 20.67 -28.94
N LYS A 11 -25.64 19.48 -28.74
CA LYS A 11 -26.29 19.17 -27.48
C LYS A 11 -25.23 18.83 -26.45
N ILE A 12 -25.16 19.64 -25.39
CA ILE A 12 -24.19 19.41 -24.33
C ILE A 12 -24.89 18.77 -23.15
N VAL A 13 -24.41 17.60 -22.75
CA VAL A 13 -24.95 16.92 -21.58
C VAL A 13 -23.93 16.90 -20.43
N ILE A 14 -24.39 17.27 -19.24
CA ILE A 14 -23.57 17.33 -18.05
C ILE A 14 -24.05 16.23 -17.11
N ILE A 15 -23.11 15.41 -16.62
CA ILE A 15 -23.45 14.43 -15.60
C ILE A 15 -22.86 14.88 -14.27
N GLY A 16 -23.73 15.17 -13.31
CA GLY A 16 -23.31 15.57 -11.98
C GLY A 16 -23.65 17.02 -11.66
N ALA A 17 -24.28 17.24 -10.52
CA ALA A 17 -24.60 18.59 -10.06
C ALA A 17 -23.77 18.97 -8.84
N GLY A 18 -22.50 18.60 -8.85
CA GLY A 18 -21.54 19.11 -7.89
C GLY A 18 -21.07 20.45 -8.42
N PRO A 19 -20.10 21.09 -7.74
CA PRO A 19 -19.62 22.38 -8.23
C PRO A 19 -19.13 22.33 -9.67
N THR A 20 -18.45 21.26 -10.08
CA THR A 20 -17.98 21.19 -11.46
C THR A 20 -19.16 21.20 -12.45
N GLY A 21 -20.11 20.30 -12.25
CA GLY A 21 -21.28 20.25 -13.13
C GLY A 21 -22.05 21.57 -13.15
N LEU A 22 -22.24 22.14 -11.96
CA LEU A 22 -22.94 23.42 -11.86
C LEU A 22 -22.13 24.56 -12.46
N GLY A 23 -20.81 24.42 -12.44
CA GLY A 23 -19.94 25.37 -13.12
C GLY A 23 -20.26 25.39 -14.60
N ALA A 24 -20.32 24.22 -15.21
CA ALA A 24 -20.65 24.11 -16.62
C ALA A 24 -22.04 24.71 -16.90
N ALA A 25 -23.02 24.35 -16.08
CA ALA A 25 -24.39 24.87 -16.23
C ALA A 25 -24.50 26.39 -16.08
N VAL A 26 -23.69 26.96 -15.19
CA VAL A 26 -23.70 28.41 -15.00
C VAL A 26 -23.07 29.13 -16.19
N ARG A 27 -21.94 28.63 -16.68
CA ARG A 27 -21.33 29.25 -17.85
C ARG A 27 -22.28 29.20 -19.07
N LEU A 28 -22.91 28.05 -19.28
CA LEU A 28 -23.87 27.93 -20.37
C LEU A 28 -25.01 28.93 -20.19
N THR A 29 -25.52 29.05 -18.97
CA THR A 29 -26.64 29.95 -18.71
C THR A 29 -26.21 31.39 -18.94
N GLU A 30 -25.02 31.74 -18.48
CA GLU A 30 -24.47 33.08 -18.69
C GLU A 30 -24.42 33.39 -20.18
N LEU A 31 -24.05 32.39 -20.98
CA LEU A 31 -23.91 32.57 -22.41
C LEU A 31 -25.27 32.53 -23.10
N GLY A 32 -26.32 32.26 -22.33
CA GLY A 32 -27.64 32.11 -22.90
C GLY A 32 -27.73 30.90 -23.83
N TYR A 33 -26.85 29.92 -23.62
CA TYR A 33 -26.90 28.69 -24.41
C TYR A 33 -28.16 27.92 -24.02
N LYS A 34 -28.79 27.29 -25.00
CA LYS A 34 -30.10 26.68 -24.79
C LYS A 34 -30.08 25.15 -24.87
N ASN A 35 -29.21 24.61 -25.72
CA ASN A 35 -29.21 23.17 -25.97
C ASN A 35 -28.32 22.35 -25.02
N TRP A 36 -28.71 22.29 -23.74
CA TRP A 36 -27.99 21.48 -22.77
C TRP A 36 -28.95 20.87 -21.76
N HIS A 37 -28.46 19.89 -21.02
CA HIS A 37 -29.21 19.31 -19.92
C HIS A 37 -28.23 18.71 -18.90
N LEU A 38 -28.61 18.76 -17.63
CA LEU A 38 -27.76 18.27 -16.56
C LEU A 38 -28.48 17.14 -15.80
N TYR A 39 -27.81 16.02 -15.63
CA TYR A 39 -28.37 14.88 -14.93
C TYR A 39 -27.63 14.60 -13.62
N GLU A 40 -28.39 14.40 -12.53
CA GLU A 40 -27.83 14.11 -11.21
C GLU A 40 -28.67 13.02 -10.56
N CYS A 41 -28.03 12.03 -9.96
CA CYS A 41 -28.78 10.93 -9.36
C CYS A 41 -29.23 11.21 -7.93
N ASN A 42 -28.55 12.12 -7.23
CA ASN A 42 -29.00 12.56 -5.89
C ASN A 42 -30.13 13.60 -5.99
N ASP A 43 -30.84 13.81 -4.88
CA ASP A 43 -31.93 14.77 -4.85
C ASP A 43 -31.43 16.21 -4.66
N THR A 44 -30.25 16.33 -4.07
CA THR A 44 -29.71 17.60 -3.63
C THR A 44 -28.53 18.00 -4.51
N PRO A 45 -28.46 19.27 -4.93
CA PRO A 45 -27.29 19.74 -5.67
C PRO A 45 -26.09 19.98 -4.73
N GLY A 46 -24.88 19.90 -5.26
CA GLY A 46 -23.71 20.30 -4.51
C GLY A 46 -22.66 19.21 -4.28
N GLY A 47 -23.00 17.97 -4.63
CA GLY A 47 -22.08 16.85 -4.48
C GLY A 47 -21.40 16.77 -3.11
N LEU A 48 -20.08 16.71 -3.12
CA LEU A 48 -19.33 16.63 -1.88
C LEU A 48 -19.42 17.90 -1.06
N SER A 49 -19.89 18.97 -1.69
CA SER A 49 -20.04 20.26 -1.00
C SER A 49 -21.45 20.51 -0.47
N ARG A 50 -22.30 19.48 -0.51
CA ARG A 50 -23.69 19.62 -0.04
C ARG A 50 -23.74 19.78 1.48
N SER A 51 -24.86 20.29 1.99
CA SER A 51 -25.07 20.45 3.42
C SER A 51 -26.35 19.80 3.85
N PHE A 52 -26.46 19.47 5.14
CA PHE A 52 -27.64 18.83 5.71
C PHE A 52 -28.14 19.60 6.93
N LEU A 53 -29.44 19.51 7.19
CA LEU A 53 -30.02 20.01 8.43
C LEU A 53 -30.61 18.84 9.20
N ASP A 54 -30.18 18.62 10.43
CA ASP A 54 -30.64 17.46 11.18
C ASP A 54 -31.89 17.70 12.02
N GLU A 55 -32.34 16.66 12.71
CA GLU A 55 -33.57 16.74 13.50
C GLU A 55 -33.53 17.88 14.53
N ASN A 56 -32.34 18.16 15.04
CA ASN A 56 -32.19 19.09 16.17
C ASN A 56 -31.80 20.52 15.82
N GLY A 57 -31.79 20.84 14.52
CA GLY A 57 -31.46 22.19 14.09
C GLY A 57 -29.97 22.43 13.84
N PHE A 58 -29.18 21.37 13.86
CA PHE A 58 -27.75 21.47 13.55
C PHE A 58 -27.52 21.38 12.04
N THR A 59 -26.80 22.35 11.49
CA THR A 59 -26.36 22.27 10.10
C THR A 59 -25.06 21.50 10.00
N TRP A 60 -25.01 20.54 9.10
CA TRP A 60 -23.80 19.75 8.91
C TRP A 60 -23.38 19.75 7.44
N ASP A 61 -22.12 19.44 7.18
CA ASP A 61 -21.68 19.21 5.81
C ASP A 61 -20.61 18.12 5.81
N LEU A 62 -19.93 17.94 4.68
CA LEU A 62 -18.97 16.84 4.59
C LEU A 62 -17.54 17.27 4.91
N GLY A 63 -17.34 17.83 6.10
CA GLY A 63 -16.01 18.13 6.59
C GLY A 63 -15.70 19.59 6.85
N GLY A 64 -16.74 20.41 6.92
CA GLY A 64 -16.57 21.82 7.25
C GLY A 64 -15.89 22.61 6.14
N HIS A 65 -16.57 22.75 5.01
CA HIS A 65 -15.98 23.39 3.85
C HIS A 65 -15.91 24.89 4.03
N VAL A 66 -14.82 25.49 3.58
CA VAL A 66 -14.74 26.95 3.54
C VAL A 66 -14.38 27.38 2.12
N ILE A 67 -14.80 28.58 1.76
CA ILE A 67 -14.58 29.06 0.40
C ILE A 67 -13.38 30.00 0.34
N PHE A 68 -12.42 29.66 -0.51
CA PHE A 68 -11.32 30.58 -0.79
C PHE A 68 -10.96 30.49 -2.27
N SER A 69 -11.35 31.51 -3.01
CA SER A 69 -11.30 31.45 -4.45
C SER A 69 -9.99 31.93 -5.05
N HIS A 70 -9.53 31.24 -6.10
CA HIS A 70 -8.45 31.72 -6.93
C HIS A 70 -8.96 32.49 -8.15
N TYR A 71 -10.27 32.72 -8.24
CA TYR A 71 -10.83 33.32 -9.45
C TYR A 71 -11.81 34.45 -9.17
N GLN A 72 -11.69 35.55 -9.92
CA GLN A 72 -12.69 36.61 -9.81
C GLN A 72 -14.06 36.06 -10.25
N TYR A 73 -14.06 35.19 -11.25
CA TYR A 73 -15.30 34.66 -11.80
C TYR A 73 -16.13 33.94 -10.72
N PHE A 74 -15.47 33.09 -9.96
CA PHE A 74 -16.13 32.28 -8.95
C PHE A 74 -16.61 33.16 -7.78
N ASP A 75 -15.78 34.10 -7.37
CA ASP A 75 -16.20 35.10 -6.39
C ASP A 75 -17.49 35.82 -6.82
N ASP A 76 -17.56 36.22 -8.09
CA ASP A 76 -18.76 36.88 -8.58
C ASP A 76 -19.97 35.95 -8.46
N VAL A 77 -19.74 34.67 -8.76
CA VAL A 77 -20.81 33.67 -8.69
C VAL A 77 -21.29 33.51 -7.25
N MET A 78 -20.35 33.44 -6.31
CA MET A 78 -20.69 33.41 -4.90
C MET A 78 -21.61 34.58 -4.56
N ASP A 79 -21.21 35.79 -4.95
CA ASP A 79 -21.96 37.00 -4.62
C ASP A 79 -23.36 36.96 -5.24
N TRP A 80 -23.45 36.40 -6.45
CA TRP A 80 -24.69 36.30 -7.20
C TRP A 80 -25.64 35.30 -6.53
N ALA A 81 -25.10 34.17 -6.11
CA ALA A 81 -25.92 33.07 -5.60
C ALA A 81 -26.37 33.31 -4.15
N VAL A 82 -25.52 33.95 -3.38
CA VAL A 82 -25.75 34.06 -1.94
C VAL A 82 -25.50 35.48 -1.44
N GLN A 83 -26.49 36.05 -0.77
CA GLN A 83 -26.29 37.30 -0.04
C GLN A 83 -26.18 36.94 1.43
N GLY A 84 -25.21 37.54 2.12
CA GLY A 84 -25.00 37.22 3.51
C GLY A 84 -23.84 36.24 3.71
N TRP A 85 -22.63 36.79 3.72
CA TRP A 85 -21.43 35.99 3.90
C TRP A 85 -20.66 36.46 5.13
N ASN A 86 -20.01 35.52 5.80
CA ASN A 86 -19.00 35.85 6.80
C ASN A 86 -17.60 35.71 6.20
N VAL A 87 -16.75 36.70 6.45
CA VAL A 87 -15.36 36.61 6.06
C VAL A 87 -14.55 36.39 7.33
N LEU A 88 -13.79 35.29 7.37
CA LEU A 88 -13.04 34.94 8.57
C LEU A 88 -11.53 34.93 8.37
N GLN A 89 -10.79 35.28 9.43
CA GLN A 89 -9.35 35.05 9.46
C GLN A 89 -9.11 33.65 9.98
N ARG A 90 -8.36 32.86 9.23
CA ARG A 90 -8.13 31.48 9.62
C ARG A 90 -7.37 31.39 10.94
N GLU A 91 -7.95 30.69 11.89
CA GLU A 91 -7.23 30.39 13.12
C GLU A 91 -7.17 28.89 13.29
N SER A 92 -6.04 28.32 12.86
CA SER A 92 -5.86 26.88 12.74
C SER A 92 -4.68 26.41 13.59
N TRP A 93 -4.79 25.23 14.22
CA TRP A 93 -3.77 24.77 15.18
C TRP A 93 -3.46 23.29 15.02
N VAL A 94 -2.30 22.87 15.53
CA VAL A 94 -1.97 21.45 15.55
C VAL A 94 -1.83 20.97 16.99
N TRP A 95 -2.59 19.92 17.36
CA TRP A 95 -2.48 19.37 18.71
C TRP A 95 -1.40 18.31 18.73
N VAL A 96 -0.27 18.62 19.35
CA VAL A 96 0.86 17.73 19.25
C VAL A 96 1.83 17.93 20.40
N ARG A 97 2.33 16.83 20.94
CA ARG A 97 3.20 16.85 22.12
C ARG A 97 2.64 17.75 23.22
N GLY A 98 1.33 17.73 23.36
CA GLY A 98 0.65 18.43 24.45
C GLY A 98 0.55 19.95 24.29
N ARG A 99 0.83 20.45 23.09
CA ARG A 99 0.78 21.87 22.82
C ARG A 99 -0.11 22.16 21.62
N TRP A 100 -0.66 23.37 21.59
CA TRP A 100 -1.32 23.91 20.41
C TRP A 100 -0.26 24.64 19.58
N VAL A 101 0.20 24.01 18.51
CA VAL A 101 1.18 24.62 17.62
C VAL A 101 0.45 25.32 16.47
N PRO A 102 0.72 26.62 16.27
CA PRO A 102 0.06 27.32 15.16
C PRO A 102 0.37 26.68 13.81
N TYR A 103 -0.62 26.58 12.93
CA TYR A 103 -0.41 26.12 11.57
C TYR A 103 0.42 27.14 10.80
N PRO A 104 1.31 26.68 9.90
CA PRO A 104 1.73 25.31 9.62
C PRO A 104 2.72 24.85 10.70
N PHE A 105 2.64 23.57 11.03
CA PHE A 105 3.48 22.98 12.06
C PHE A 105 4.96 23.31 11.85
N GLN A 106 5.44 23.07 10.63
CA GLN A 106 6.87 23.14 10.33
C GLN A 106 7.43 24.54 10.51
N ASN A 107 6.59 25.56 10.41
CA ASN A 107 7.07 26.93 10.58
C ASN A 107 7.03 27.41 12.02
N ASN A 108 6.41 26.62 12.89
CA ASN A 108 6.16 27.08 14.26
C ASN A 108 6.66 26.14 15.35
N ILE A 109 7.78 25.48 15.09
CA ILE A 109 8.32 24.49 16.03
C ILE A 109 8.71 25.08 17.39
N HIS A 110 8.84 26.40 17.47
CA HIS A 110 9.13 27.06 18.75
C HIS A 110 7.99 26.87 19.75
N ARG A 111 6.84 26.39 19.28
CA ARG A 111 5.72 26.15 20.19
C ARG A 111 5.68 24.72 20.71
N LEU A 112 6.68 23.92 20.36
CA LEU A 112 6.82 22.55 20.87
C LEU A 112 7.50 22.60 22.24
N PRO A 113 7.31 21.57 23.07
CA PRO A 113 8.11 21.53 24.29
C PRO A 113 9.60 21.59 23.94
N GLU A 114 10.42 22.12 24.85
CA GLU A 114 11.84 22.36 24.60
C GLU A 114 12.55 21.19 23.91
N GLN A 115 12.43 20.01 24.49
CA GLN A 115 13.12 18.83 23.95
C GLN A 115 12.77 18.55 22.48
N ASP A 116 11.48 18.64 22.15
CA ASP A 116 11.05 18.38 20.78
C ASP A 116 11.44 19.51 19.84
N ARG A 117 11.38 20.74 20.35
CA ARG A 117 11.78 21.87 19.51
C ARG A 117 13.24 21.75 19.15
N LYS A 118 14.06 21.41 20.14
CA LYS A 118 15.50 21.31 19.91
C LYS A 118 15.75 20.22 18.90
N ARG A 119 15.10 19.08 19.09
CA ARG A 119 15.23 18.00 18.14
C ARG A 119 14.83 18.44 16.72
N CYS A 120 13.69 19.11 16.60
CA CYS A 120 13.24 19.58 15.29
C CYS A 120 14.22 20.55 14.65
N LEU A 121 14.75 21.48 15.45
CA LEU A 121 15.70 22.44 14.93
C LEU A 121 17.00 21.74 14.55
N ASP A 122 17.50 20.89 15.43
CA ASP A 122 18.76 20.17 15.17
C ASP A 122 18.70 19.31 13.92
N GLU A 123 17.58 18.61 13.72
CA GLU A 123 17.47 17.73 12.56
C GLU A 123 17.31 18.52 11.27
N LEU A 124 16.69 19.70 11.38
CA LEU A 124 16.57 20.61 10.24
C LEU A 124 17.95 21.12 9.83
N VAL A 125 18.75 21.53 10.82
CA VAL A 125 20.14 21.88 10.57
C VAL A 125 20.89 20.71 9.90
N ARG A 126 20.72 19.51 10.44
CA ARG A 126 21.34 18.31 9.86
C ARG A 126 20.92 18.04 8.40
N SER A 127 19.63 18.07 8.10
CA SER A 127 19.19 17.76 6.74
C SER A 127 19.58 18.87 5.78
N HIS A 128 19.71 20.09 6.29
CA HIS A 128 20.24 21.17 5.48
C HIS A 128 21.68 20.90 5.07
N ALA A 129 22.43 20.18 5.93
CA ALA A 129 23.83 19.82 5.69
C ALA A 129 24.01 18.67 4.68
N ARG A 130 22.93 17.95 4.40
CA ARG A 130 22.99 16.80 3.51
C ARG A 130 22.45 17.18 2.15
N THR A 131 23.26 16.98 1.11
CA THR A 131 22.81 17.20 -0.27
C THR A 131 22.88 15.95 -1.16
N TYR A 132 22.11 15.94 -2.23
CA TYR A 132 21.84 14.72 -2.99
C TYR A 132 21.90 14.93 -4.50
N THR A 133 22.40 13.93 -5.21
CA THR A 133 22.57 14.00 -6.65
C THR A 133 21.23 14.07 -7.42
N GLU A 134 20.21 13.38 -6.92
CA GLU A 134 18.92 13.32 -7.58
C GLU A 134 17.82 13.89 -6.68
N PRO A 135 16.74 14.40 -7.28
CA PRO A 135 15.57 14.88 -6.53
C PRO A 135 14.90 13.71 -5.81
N PRO A 136 14.11 14.01 -4.77
CA PRO A 136 13.34 12.93 -4.12
C PRO A 136 12.39 12.24 -5.09
N ASN A 137 12.21 10.93 -4.92
CA ASN A 137 11.35 10.13 -5.79
C ASN A 137 9.91 10.08 -5.32
N ASN A 138 9.68 10.53 -4.09
CA ASN A 138 8.34 10.48 -3.51
C ASN A 138 8.16 11.49 -2.37
N PHE A 139 6.91 11.68 -1.95
CA PHE A 139 6.54 12.70 -0.97
C PHE A 139 7.29 12.54 0.36
N GLU A 140 7.39 11.31 0.87
CA GLU A 140 8.10 11.09 2.14
C GLU A 140 9.59 11.46 2.03
N GLU A 141 10.21 11.05 0.95
CA GLU A 141 11.62 11.36 0.73
C GLU A 141 11.75 12.88 0.65
N SER A 142 10.80 13.50 -0.06
CA SER A 142 10.78 14.96 -0.17
C SER A 142 10.70 15.65 1.20
N PHE A 143 9.68 15.32 2.00
CA PHE A 143 9.50 16.08 3.24
C PHE A 143 10.55 15.75 4.30
N THR A 144 11.11 14.55 4.21
CA THR A 144 12.20 14.16 5.11
C THR A 144 13.46 14.98 4.80
N ARG A 145 13.80 15.09 3.53
CA ARG A 145 14.94 15.91 3.13
C ARG A 145 14.69 17.38 3.39
N GLN A 146 13.47 17.85 3.16
CA GLN A 146 13.18 19.27 3.29
C GLN A 146 13.11 19.73 4.75
N PHE A 147 12.48 18.94 5.61
CA PHE A 147 12.24 19.40 6.98
C PHE A 147 13.08 18.70 8.03
N GLY A 148 13.74 17.62 7.65
CA GLY A 148 14.57 16.89 8.59
C GLY A 148 13.75 15.87 9.37
N GLU A 149 14.46 14.98 10.06
CA GLU A 149 13.86 13.83 10.73
C GLU A 149 12.99 14.18 11.93
N GLY A 150 13.27 15.30 12.58
CA GLY A 150 12.48 15.74 13.71
C GLY A 150 11.06 16.09 13.30
N ILE A 151 10.95 16.95 12.30
CA ILE A 151 9.65 17.41 11.83
C ILE A 151 8.92 16.28 11.11
N ALA A 152 9.69 15.41 10.45
CA ALA A 152 9.12 14.24 9.78
C ALA A 152 8.48 13.26 10.75
N ASP A 153 9.18 12.97 11.85
CA ASP A 153 8.76 11.96 12.79
C ASP A 153 7.63 12.45 13.67
N ILE A 154 7.72 13.71 14.06
CA ILE A 154 6.73 14.30 14.95
C ILE A 154 5.46 14.69 14.23
N PHE A 155 5.58 15.18 13.01
CA PHE A 155 4.39 15.62 12.29
C PHE A 155 4.17 15.01 10.89
N MET A 156 5.12 15.17 9.98
CA MET A 156 4.86 14.89 8.58
C MET A 156 4.45 13.45 8.31
N ARG A 157 5.19 12.52 8.88
CA ARG A 157 4.94 11.13 8.60
C ARG A 157 3.63 10.68 9.21
N PRO A 158 3.46 10.91 10.52
CA PRO A 158 2.20 10.43 11.10
C PRO A 158 0.99 11.24 10.63
N TYR A 159 1.12 12.55 10.47
CA TYR A 159 -0.06 13.31 10.02
C TYR A 159 -0.46 12.90 8.61
N ASN A 160 0.52 12.79 7.71
CA ASN A 160 0.18 12.46 6.34
C ASN A 160 -0.47 11.08 6.15
N PHE A 161 0.02 10.06 6.85
CA PHE A 161 -0.67 8.79 6.76
C PHE A 161 -2.09 8.92 7.33
N LYS A 162 -2.21 9.69 8.40
CA LYS A 162 -3.49 9.86 9.07
C LYS A 162 -4.56 10.54 8.21
N VAL A 163 -4.16 11.48 7.36
CA VAL A 163 -5.15 12.10 6.49
C VAL A 163 -5.32 11.35 5.16
N TRP A 164 -4.21 11.01 4.52
CA TRP A 164 -4.27 10.39 3.20
C TRP A 164 -4.67 8.93 3.21
N ALA A 165 -4.46 8.25 4.34
CA ALA A 165 -4.73 6.81 4.44
C ALA A 165 -3.92 6.03 3.41
N VAL A 166 -2.82 6.62 2.94
CA VAL A 166 -1.92 5.97 2.01
C VAL A 166 -0.51 6.31 2.49
N PRO A 167 0.43 5.35 2.48
CA PRO A 167 1.77 5.73 2.93
C PRO A 167 2.35 6.82 2.01
N PRO A 168 2.87 7.90 2.59
CA PRO A 168 3.32 9.05 1.79
C PRO A 168 4.48 8.70 0.83
N CYS A 169 5.15 7.59 1.07
CA CYS A 169 6.19 7.13 0.15
C CYS A 169 5.60 6.61 -1.16
N LEU A 170 4.27 6.54 -1.23
CA LEU A 170 3.61 6.14 -2.47
C LEU A 170 3.02 7.34 -3.17
N MET A 171 3.31 8.54 -2.68
CA MET A 171 2.75 9.75 -3.26
C MET A 171 3.80 10.57 -4.01
N SER A 172 3.36 11.24 -5.07
CA SER A 172 4.22 12.12 -5.87
C SER A 172 4.53 13.39 -5.07
N THR A 173 5.32 14.28 -5.67
CA THR A 173 5.86 15.41 -4.93
C THR A 173 5.50 16.75 -5.53
N GLU A 174 4.63 16.77 -6.54
CA GLU A 174 4.44 17.98 -7.34
C GLU A 174 3.09 18.66 -7.11
N TRP A 175 2.32 18.15 -6.16
CA TRP A 175 1.01 18.69 -5.88
C TRP A 175 1.08 19.68 -4.73
N VAL A 176 2.28 19.88 -4.18
CA VAL A 176 2.42 20.49 -2.85
C VAL A 176 2.45 22.02 -2.81
N GLU A 177 2.51 22.66 -3.96
CA GLU A 177 2.84 24.09 -4.04
C GLU A 177 2.06 24.95 -3.05
N GLU A 178 0.74 24.82 -3.06
CA GLU A 178 -0.09 25.62 -2.17
C GLU A 178 -0.52 24.85 -0.91
N ARG A 179 0.06 23.69 -0.67
CA ARG A 179 -0.38 22.86 0.47
C ARG A 179 0.70 22.69 1.54
N VAL A 180 1.95 22.56 1.11
CA VAL A 180 3.05 22.28 2.04
C VAL A 180 4.03 23.45 2.09
N ALA A 181 4.02 24.19 3.20
CA ALA A 181 4.78 25.41 3.32
C ALA A 181 6.26 25.09 3.54
N PRO A 182 7.15 25.86 2.92
CA PRO A 182 8.59 25.71 3.11
C PRO A 182 9.03 26.34 4.42
N VAL A 183 10.23 26.02 4.88
CA VAL A 183 10.79 26.65 6.07
C VAL A 183 12.06 27.38 5.73
N ASP A 184 12.42 28.33 6.58
CA ASP A 184 13.65 29.06 6.43
C ASP A 184 14.36 29.02 7.77
N LEU A 185 15.56 28.47 7.76
CA LEU A 185 16.26 28.20 9.00
C LEU A 185 16.50 29.47 9.83
N GLU A 186 16.91 30.54 9.17
CA GLU A 186 17.17 31.80 9.84
C GLU A 186 15.90 32.36 10.51
N ARG A 187 14.79 32.30 9.81
CA ARG A 187 13.53 32.79 10.40
C ARG A 187 13.11 31.96 11.61
N ILE A 188 13.27 30.65 11.51
CA ILE A 188 12.95 29.75 12.63
C ILE A 188 13.83 30.00 13.85
N ARG A 189 15.13 30.14 13.66
CA ARG A 189 16.01 30.45 14.78
C ARG A 189 15.57 31.74 15.49
N ARG A 190 15.18 32.75 14.72
CA ARG A 190 14.70 33.99 15.30
C ARG A 190 13.35 33.78 16.01
N ASN A 191 12.45 32.99 15.41
CA ASN A 191 11.18 32.65 16.05
C ASN A 191 11.42 32.08 17.44
N ILE A 192 12.46 31.26 17.55
CA ILE A 192 12.77 30.56 18.78
C ILE A 192 13.29 31.52 19.84
N GLN A 193 14.09 32.48 19.40
CA GLN A 193 14.62 33.51 20.29
C GLN A 193 13.54 34.49 20.77
N GLU A 194 12.49 34.67 19.97
CA GLU A 194 11.46 35.67 20.25
C GLU A 194 10.07 35.09 20.56
N ASN A 195 9.95 33.76 20.56
CA ASN A 195 8.63 33.10 20.58
C ASN A 195 7.64 33.80 19.66
N ARG A 196 8.07 33.98 18.41
CA ARG A 196 7.31 34.72 17.42
C ARG A 196 6.61 33.76 16.47
N ASP A 197 5.29 33.65 16.58
CA ASP A 197 4.53 32.78 15.68
C ASP A 197 4.67 33.26 14.25
N ASP A 198 4.67 32.30 13.33
CA ASP A 198 4.79 32.59 11.91
C ASP A 198 3.41 32.30 11.32
N LEU A 199 2.62 33.36 11.11
CA LEU A 199 1.21 33.25 10.73
C LEU A 199 0.94 33.76 9.32
N GLY A 200 -0.23 33.41 8.80
CA GLY A 200 -0.73 33.98 7.56
C GLY A 200 -0.42 33.22 6.28
N TRP A 201 0.31 32.11 6.37
CA TRP A 201 0.69 31.39 5.15
C TRP A 201 -0.50 30.70 4.47
N GLY A 202 -0.51 30.73 3.14
CA GLY A 202 -1.45 29.89 2.41
C GLY A 202 -2.71 30.56 1.88
N PRO A 203 -3.34 29.94 0.87
CA PRO A 203 -4.45 30.57 0.15
C PRO A 203 -5.72 30.63 0.97
N ASN A 204 -5.82 29.84 2.04
CA ASN A 204 -6.99 29.94 2.92
C ASN A 204 -6.74 30.69 4.24
N ALA A 205 -5.71 31.54 4.27
CA ALA A 205 -5.43 32.33 5.47
C ALA A 205 -6.62 33.22 5.77
N THR A 206 -7.36 33.54 4.72
CA THR A 206 -8.65 34.21 4.85
C THR A 206 -9.64 33.38 4.06
N PHE A 207 -10.88 33.27 4.53
CA PHE A 207 -11.89 32.54 3.80
C PHE A 207 -13.27 33.10 4.07
N ARG A 208 -14.25 32.67 3.27
CA ARG A 208 -15.63 33.12 3.46
C ARG A 208 -16.55 31.93 3.64
N PHE A 209 -17.65 32.18 4.34
CA PHE A 209 -18.58 31.12 4.70
C PHE A 209 -19.99 31.69 4.74
N PRO A 210 -20.95 30.98 4.13
CA PRO A 210 -22.34 31.47 4.10
C PRO A 210 -22.95 31.51 5.51
N GLN A 211 -23.66 32.59 5.81
CA GLN A 211 -24.25 32.76 7.12
C GLN A 211 -25.27 31.68 7.48
N ARG A 212 -25.99 31.20 6.48
CA ARG A 212 -26.99 30.15 6.71
C ARG A 212 -26.94 29.05 5.63
N GLY A 213 -26.95 27.79 6.06
CA GLY A 213 -27.06 26.67 5.15
C GLY A 213 -25.75 26.02 4.69
N GLY A 214 -24.62 26.51 5.19
CA GLY A 214 -23.32 25.94 4.87
C GLY A 214 -22.99 26.21 3.42
N THR A 215 -21.82 25.77 2.95
CA THR A 215 -21.42 25.98 1.56
C THR A 215 -22.41 25.35 0.58
N GLY A 216 -23.22 24.42 1.07
CA GLY A 216 -24.13 23.68 0.23
C GLY A 216 -25.29 24.54 -0.25
N ILE A 217 -25.56 25.61 0.51
CA ILE A 217 -26.61 26.56 0.15
C ILE A 217 -26.20 27.30 -1.13
N ILE A 218 -24.89 27.40 -1.38
CA ILE A 218 -24.41 27.97 -2.62
C ILE A 218 -25.00 27.25 -3.82
N TYR A 219 -24.98 25.92 -3.77
CA TYR A 219 -25.39 25.12 -4.94
C TYR A 219 -26.88 24.88 -4.97
N GLN A 220 -27.52 24.97 -3.81
CA GLN A 220 -28.97 24.96 -3.76
C GLN A 220 -29.48 26.25 -4.38
N ALA A 221 -28.85 27.37 -4.08
CA ALA A 221 -29.26 28.65 -4.67
C ALA A 221 -28.96 28.67 -6.16
N ILE A 222 -27.83 28.10 -6.56
CA ILE A 222 -27.51 28.06 -7.97
C ILE A 222 -28.55 27.24 -8.72
N LYS A 223 -28.90 26.07 -8.18
CA LYS A 223 -29.93 25.25 -8.79
C LYS A 223 -31.21 26.06 -9.01
N GLU A 224 -31.58 26.89 -8.04
CA GLU A 224 -32.81 27.66 -8.13
C GLU A 224 -32.74 28.70 -9.24
N LYS A 225 -31.53 29.17 -9.53
CA LYS A 225 -31.39 30.23 -10.54
C LYS A 225 -31.29 29.73 -11.98
N LEU A 226 -31.09 28.42 -12.15
CA LEU A 226 -30.99 27.81 -13.49
C LEU A 226 -32.38 27.36 -13.93
N PRO A 227 -32.57 27.18 -15.25
CA PRO A 227 -33.88 26.80 -15.79
C PRO A 227 -34.25 25.37 -15.39
N SER A 228 -35.36 25.22 -14.69
CA SER A 228 -35.72 23.93 -14.08
C SER A 228 -35.84 22.77 -15.06
N GLU A 229 -36.33 23.03 -16.28
CA GLU A 229 -36.54 21.95 -17.23
C GLU A 229 -35.24 21.44 -17.87
N LYS A 230 -34.14 22.15 -17.62
CA LYS A 230 -32.83 21.67 -18.08
C LYS A 230 -32.09 20.84 -17.04
N LEU A 231 -32.74 20.60 -15.90
CA LEU A 231 -32.10 19.86 -14.81
C LEU A 231 -32.92 18.66 -14.35
N THR A 232 -32.24 17.55 -14.13
CA THR A 232 -32.91 16.35 -13.67
C THR A 232 -32.19 15.83 -12.43
N PHE A 233 -32.90 15.85 -11.30
CA PHE A 233 -32.41 15.32 -10.04
C PHE A 233 -33.27 14.14 -9.65
N ASN A 234 -32.74 12.93 -9.82
CA ASN A 234 -33.56 11.73 -9.66
C ASN A 234 -32.73 10.45 -9.64
N SER A 235 -33.00 9.60 -8.66
CA SER A 235 -32.21 8.39 -8.45
C SER A 235 -32.18 7.47 -9.68
N GLY A 236 -33.20 7.56 -10.52
CA GLY A 236 -33.26 6.78 -11.74
C GLY A 236 -32.29 7.26 -12.82
N PHE A 237 -31.78 8.48 -12.64
CA PHE A 237 -30.84 9.04 -13.60
C PHE A 237 -29.40 8.96 -13.13
N GLN A 238 -29.04 7.81 -12.56
CA GLN A 238 -27.64 7.49 -12.36
C GLN A 238 -27.10 6.91 -13.67
N ALA A 239 -26.08 7.53 -14.24
CA ALA A 239 -25.48 7.04 -15.48
C ALA A 239 -24.70 5.74 -15.22
N ILE A 240 -24.97 4.70 -16.01
CA ILE A 240 -24.37 3.39 -15.81
C ILE A 240 -23.70 2.83 -17.07
N ALA A 241 -23.92 3.48 -18.20
CA ALA A 241 -23.18 3.10 -19.41
C ALA A 241 -23.07 4.29 -20.36
N ILE A 242 -21.88 4.48 -20.92
CA ILE A 242 -21.67 5.47 -21.96
C ILE A 242 -21.30 4.70 -23.22
N ASP A 243 -22.01 4.93 -24.32
CA ASP A 243 -21.61 4.36 -25.61
C ASP A 243 -21.02 5.49 -26.44
N ALA A 244 -19.70 5.50 -26.58
CA ALA A 244 -18.99 6.60 -27.23
C ALA A 244 -19.16 6.62 -28.76
N ASP A 245 -19.48 5.48 -29.35
CA ASP A 245 -19.74 5.39 -30.80
C ASP A 245 -21.12 5.95 -31.10
N ALA A 246 -22.13 5.41 -30.41
CA ALA A 246 -23.49 5.90 -30.53
C ALA A 246 -23.68 7.29 -29.91
N LYS A 247 -22.75 7.69 -29.05
CA LYS A 247 -22.88 8.95 -28.30
C LYS A 247 -24.18 9.00 -27.49
N THR A 248 -24.36 7.98 -26.65
CA THR A 248 -25.51 7.91 -25.76
C THR A 248 -25.09 7.60 -24.32
N ILE A 249 -25.95 7.98 -23.39
CA ILE A 249 -25.79 7.62 -21.99
C ILE A 249 -26.99 6.79 -21.60
N THR A 250 -26.74 5.61 -21.04
CA THR A 250 -27.80 4.79 -20.49
C THR A 250 -27.82 4.93 -18.97
N PHE A 251 -29.01 5.16 -18.42
CA PHE A 251 -29.19 5.36 -16.99
C PHE A 251 -29.79 4.14 -16.30
N SER A 252 -29.72 4.12 -14.97
CA SER A 252 -30.20 2.98 -14.21
C SER A 252 -31.70 2.75 -14.40
N ASN A 253 -32.46 3.80 -14.71
CA ASN A 253 -33.89 3.62 -14.98
C ASN A 253 -34.18 3.12 -16.40
N GLY A 254 -33.13 2.93 -17.19
CA GLY A 254 -33.27 2.43 -18.54
C GLY A 254 -33.45 3.48 -19.64
N GLU A 255 -33.62 4.75 -19.27
CA GLU A 255 -33.66 5.81 -20.26
C GLU A 255 -32.31 5.91 -20.95
N VAL A 256 -32.35 6.23 -22.24
CA VAL A 256 -31.16 6.44 -23.03
C VAL A 256 -31.22 7.86 -23.58
N VAL A 257 -30.16 8.64 -23.43
CA VAL A 257 -30.14 9.95 -24.07
C VAL A 257 -28.87 10.24 -24.85
N SER A 258 -29.02 11.09 -25.86
CA SER A 258 -27.94 11.41 -26.77
C SER A 258 -27.20 12.65 -26.31
N TYR A 259 -25.95 12.77 -26.73
CA TYR A 259 -25.20 14.01 -26.53
C TYR A 259 -24.31 14.24 -27.74
N ASP A 260 -23.95 15.49 -27.96
CA ASP A 260 -22.86 15.82 -28.87
C ASP A 260 -21.57 15.97 -28.08
N TYR A 261 -21.68 16.58 -26.90
CA TYR A 261 -20.57 16.69 -25.95
C TYR A 261 -21.04 16.21 -24.60
N LEU A 262 -20.16 15.51 -23.90
CA LEU A 262 -20.46 15.04 -22.56
C LEU A 262 -19.48 15.67 -21.56
N ILE A 263 -20.01 16.44 -20.60
CA ILE A 263 -19.20 16.94 -19.50
C ILE A 263 -19.46 16.03 -18.31
N SER A 264 -18.56 15.07 -18.08
CA SER A 264 -18.73 14.08 -17.03
C SER A 264 -17.96 14.49 -15.79
N THR A 265 -18.61 14.45 -14.64
CA THR A 265 -17.96 14.77 -13.37
C THR A 265 -17.97 13.56 -12.43
N VAL A 266 -18.36 12.39 -12.95
CA VAL A 266 -18.33 11.16 -12.17
C VAL A 266 -16.86 10.75 -11.97
N PRO A 267 -16.61 9.83 -11.03
CA PRO A 267 -15.20 9.43 -10.84
C PRO A 267 -14.57 8.85 -12.11
N PHE A 268 -13.35 9.25 -12.39
CA PHE A 268 -12.63 8.86 -13.59
C PHE A 268 -12.55 7.34 -13.73
N ASP A 269 -12.31 6.63 -12.63
CA ASP A 269 -12.29 5.17 -12.70
C ASP A 269 -13.67 4.60 -13.08
N ASN A 270 -14.75 5.11 -12.51
CA ASN A 270 -16.08 4.74 -12.91
C ASN A 270 -16.37 5.02 -14.38
N LEU A 271 -15.93 6.15 -14.86
CA LEU A 271 -16.07 6.48 -16.24
C LEU A 271 -15.40 5.47 -17.14
N LEU A 272 -14.14 5.16 -16.92
CA LEU A 272 -13.42 4.22 -17.76
C LEU A 272 -14.12 2.87 -17.80
N ARG A 273 -14.59 2.41 -16.65
CA ARG A 273 -15.25 1.10 -16.57
C ARG A 273 -16.61 1.01 -17.27
N MET A 274 -17.31 2.14 -17.39
CA MET A 274 -18.64 2.10 -18.00
C MET A 274 -18.68 2.64 -19.43
N THR A 275 -17.54 3.06 -19.97
CA THR A 275 -17.51 3.69 -21.28
C THR A 275 -17.05 2.69 -22.35
N LYS A 276 -17.91 2.47 -23.34
CA LYS A 276 -17.61 1.57 -24.46
C LYS A 276 -17.45 2.34 -25.77
N GLY A 277 -16.65 1.80 -26.67
CA GLY A 277 -16.58 2.33 -28.02
C GLY A 277 -15.48 1.61 -28.79
N THR A 278 -15.38 1.93 -30.08
CA THR A 278 -14.34 1.37 -30.94
C THR A 278 -13.39 2.47 -31.38
N GLY A 279 -12.17 2.10 -31.77
CA GLY A 279 -11.17 3.10 -32.11
C GLY A 279 -10.71 4.03 -30.99
N PHE A 280 -10.77 3.58 -29.73
CA PHE A 280 -10.09 4.26 -28.64
C PHE A 280 -8.69 3.65 -28.58
N LYS A 281 -7.64 4.46 -28.77
CA LYS A 281 -6.27 3.97 -28.58
C LYS A 281 -6.07 3.55 -27.13
N GLY A 282 -5.59 2.33 -26.91
CA GLY A 282 -5.27 1.85 -25.56
C GLY A 282 -6.48 1.34 -24.81
N TYR A 283 -7.61 1.27 -25.50
CA TYR A 283 -8.88 0.82 -24.93
C TYR A 283 -8.80 -0.37 -23.98
N ASP A 284 -8.08 -1.42 -24.37
CA ASP A 284 -8.11 -2.63 -23.58
C ASP A 284 -7.26 -2.54 -22.31
N GLU A 285 -6.55 -1.44 -22.14
CA GLU A 285 -5.86 -1.14 -20.90
C GLU A 285 -6.75 -0.41 -19.88
N TRP A 286 -7.96 0.00 -20.28
CA TRP A 286 -8.76 0.87 -19.43
C TRP A 286 -9.11 0.27 -18.07
N PRO A 287 -9.45 -1.03 -18.04
CA PRO A 287 -9.77 -1.64 -16.75
C PRO A 287 -8.57 -1.61 -15.79
N ALA A 288 -7.37 -1.86 -16.29
CA ALA A 288 -6.18 -1.83 -15.43
C ALA A 288 -5.85 -0.42 -14.98
N ILE A 289 -6.07 0.55 -15.85
CA ILE A 289 -5.91 1.95 -15.48
C ILE A 289 -6.87 2.32 -14.35
N ALA A 290 -8.14 1.96 -14.52
CA ALA A 290 -9.14 2.26 -13.51
C ALA A 290 -8.75 1.67 -12.15
N ASP A 291 -8.18 0.46 -12.18
CA ASP A 291 -7.81 -0.25 -10.96
C ASP A 291 -6.64 0.43 -10.26
N LYS A 292 -5.82 1.14 -11.03
CA LYS A 292 -4.64 1.80 -10.48
C LYS A 292 -4.89 3.19 -9.88
N MET A 293 -6.08 3.73 -10.07
CA MET A 293 -6.39 5.05 -9.53
C MET A 293 -6.59 5.00 -8.00
N VAL A 294 -5.66 5.62 -7.28
CA VAL A 294 -5.66 5.55 -5.81
C VAL A 294 -6.55 6.62 -5.19
N TYR A 295 -7.34 6.24 -4.20
CA TYR A 295 -8.14 7.19 -3.46
C TYR A 295 -8.33 6.76 -2.01
N SER A 296 -8.74 7.72 -1.17
CA SER A 296 -9.16 7.39 0.18
C SER A 296 -10.64 7.70 0.34
N SER A 297 -11.31 6.91 1.17
CA SER A 297 -12.66 7.22 1.59
C SER A 297 -12.57 8.19 2.76
N THR A 298 -13.69 8.86 3.03
CA THR A 298 -13.73 9.89 4.07
C THR A 298 -14.92 9.68 4.97
N ASN A 299 -14.67 9.52 6.27
CA ASN A 299 -15.75 9.51 7.24
C ASN A 299 -15.88 10.86 7.94
N VAL A 300 -17.09 11.40 7.94
CA VAL A 300 -17.36 12.62 8.68
C VAL A 300 -18.26 12.32 9.88
N ILE A 301 -17.88 12.84 11.04
CA ILE A 301 -18.68 12.67 12.26
C ILE A 301 -19.02 14.04 12.82
N GLY A 302 -20.31 14.25 13.08
CA GLY A 302 -20.76 15.52 13.63
C GLY A 302 -21.18 15.33 15.06
N ILE A 303 -20.58 16.10 15.97
CA ILE A 303 -20.98 16.06 17.37
C ILE A 303 -21.59 17.40 17.76
N GLY A 304 -22.87 17.38 18.12
CA GLY A 304 -23.53 18.54 18.67
C GLY A 304 -23.29 18.60 20.17
N VAL A 305 -22.91 19.78 20.67
CA VAL A 305 -22.54 19.94 22.07
C VAL A 305 -23.32 21.07 22.77
N LYS A 306 -23.86 20.77 23.94
CA LYS A 306 -24.59 21.78 24.70
C LYS A 306 -23.63 22.83 25.24
N GLY A 307 -24.05 24.09 25.21
CA GLY A 307 -23.28 25.18 25.78
C GLY A 307 -22.44 25.95 24.78
N THR A 308 -21.20 26.24 25.17
CA THR A 308 -20.31 27.04 24.38
C THR A 308 -18.93 26.41 24.43
N PRO A 309 -18.10 26.64 23.39
CA PRO A 309 -16.75 26.05 23.39
C PRO A 309 -15.91 26.56 24.54
N PRO A 310 -14.93 25.74 24.98
CA PRO A 310 -13.98 26.11 26.03
C PRO A 310 -13.09 27.26 25.54
N PRO A 311 -12.45 28.01 26.46
CA PRO A 311 -11.70 29.22 26.11
C PRO A 311 -10.69 29.02 24.97
N HIS A 312 -9.97 27.91 24.94
CA HIS A 312 -8.95 27.71 23.90
C HIS A 312 -9.52 27.51 22.49
N LEU A 313 -10.82 27.22 22.39
CA LEU A 313 -11.45 26.95 21.09
C LEU A 313 -12.41 28.06 20.71
N LYS A 314 -12.44 29.13 21.49
CA LYS A 314 -13.42 30.19 21.31
C LYS A 314 -13.43 30.73 19.88
N THR A 315 -12.26 30.86 19.27
CA THR A 315 -12.18 31.43 17.92
C THR A 315 -11.44 30.50 16.97
N ALA A 316 -11.29 29.23 17.34
CA ALA A 316 -10.61 28.27 16.49
C ALA A 316 -11.47 27.91 15.28
N CYS A 317 -10.81 27.60 14.17
CA CYS A 317 -11.49 27.19 12.96
C CYS A 317 -11.34 25.69 12.82
N TRP A 318 -10.17 25.24 12.37
CA TRP A 318 -9.90 23.82 12.31
C TRP A 318 -8.59 23.42 12.96
N LEU A 319 -8.52 22.15 13.34
CA LEU A 319 -7.46 21.64 14.18
C LEU A 319 -6.92 20.36 13.60
N TYR A 320 -5.61 20.20 13.65
CA TYR A 320 -4.94 19.02 13.13
C TYR A 320 -4.47 18.08 14.23
N PHE A 321 -4.58 16.77 14.00
CA PHE A 321 -4.21 15.77 14.98
C PHE A 321 -3.32 14.64 14.44
N PRO A 322 -2.01 14.83 14.52
CA PRO A 322 -1.04 13.82 14.05
C PRO A 322 -0.90 12.59 14.95
N GLU A 323 -1.30 12.68 16.22
CA GLU A 323 -1.00 11.61 17.17
C GLU A 323 -2.06 10.51 17.17
N ASP A 324 -1.73 9.37 17.77
CA ASP A 324 -2.58 8.20 17.68
C ASP A 324 -3.62 8.15 18.79
N THR A 325 -3.72 9.23 19.56
CA THR A 325 -4.71 9.34 20.62
C THR A 325 -6.08 9.77 20.08
N SER A 326 -6.17 10.00 18.77
CA SER A 326 -7.46 10.27 18.14
C SER A 326 -7.55 9.57 16.77
N PRO A 327 -8.77 9.18 16.37
CA PRO A 327 -8.80 8.55 15.05
C PRO A 327 -8.95 9.60 13.94
N PHE A 328 -9.40 10.80 14.29
CA PHE A 328 -9.60 11.86 13.29
C PHE A 328 -8.32 12.63 12.97
N TYR A 329 -8.12 12.99 11.70
CA TYR A 329 -6.95 13.78 11.32
C TYR A 329 -7.22 15.28 11.52
N ARG A 330 -8.49 15.67 11.42
CA ARG A 330 -8.88 17.07 11.59
C ARG A 330 -10.20 17.20 12.34
N ALA A 331 -10.31 18.26 13.14
CA ALA A 331 -11.58 18.66 13.75
C ALA A 331 -11.89 20.12 13.40
N THR A 332 -13.15 20.41 13.13
CA THR A 332 -13.59 21.77 12.80
C THR A 332 -14.63 22.24 13.80
N VAL A 333 -14.42 23.42 14.37
CA VAL A 333 -15.43 24.01 15.26
C VAL A 333 -16.47 24.69 14.37
N PHE A 334 -17.33 23.89 13.77
CA PHE A 334 -18.21 24.36 12.70
C PHE A 334 -19.11 25.51 13.17
N SER A 335 -19.49 25.49 14.44
CA SER A 335 -20.32 26.53 15.01
C SER A 335 -19.63 27.90 15.03
N ASN A 336 -18.31 27.93 14.86
CA ASN A 336 -17.59 29.22 14.88
C ASN A 336 -17.63 29.87 13.52
N TYR A 337 -17.98 29.10 12.47
CA TYR A 337 -18.17 29.67 11.14
C TYR A 337 -19.43 30.50 11.03
N SER A 338 -20.48 30.06 11.72
CA SER A 338 -21.70 30.86 11.82
C SER A 338 -22.60 30.39 12.95
N LYS A 339 -23.07 31.32 13.77
CA LYS A 339 -23.98 30.97 14.86
C LYS A 339 -25.25 30.25 14.38
N TYR A 340 -25.65 30.47 13.13
CA TYR A 340 -26.88 29.84 12.63
C TYR A 340 -26.69 28.36 12.32
N ASN A 341 -25.45 27.89 12.44
CA ASN A 341 -25.12 26.50 12.20
C ASN A 341 -25.62 25.58 13.31
N VAL A 342 -25.93 26.16 14.46
CA VAL A 342 -26.37 25.38 15.60
C VAL A 342 -27.62 26.00 16.23
N PRO A 343 -28.44 25.19 16.89
CA PRO A 343 -29.56 25.72 17.68
C PRO A 343 -29.01 26.58 18.83
N GLU A 344 -29.81 27.52 19.31
CA GLU A 344 -29.37 28.39 20.40
C GLU A 344 -28.80 27.55 21.57
N GLY A 345 -27.74 28.04 22.19
CA GLY A 345 -27.19 27.37 23.36
C GLY A 345 -26.39 26.11 23.07
N HIS A 346 -25.88 25.99 21.85
CA HIS A 346 -25.06 24.84 21.48
C HIS A 346 -23.85 25.27 20.68
N TRP A 347 -22.90 24.36 20.56
CA TRP A 347 -21.83 24.51 19.58
C TRP A 347 -21.63 23.14 18.92
N SER A 348 -20.67 23.04 18.01
CA SER A 348 -20.52 21.79 17.25
C SER A 348 -19.11 21.55 16.76
N LEU A 349 -18.78 20.27 16.69
CA LEU A 349 -17.53 19.79 16.11
C LEU A 349 -17.85 18.94 14.91
N MET A 350 -17.00 19.02 13.88
CA MET A 350 -17.06 18.10 12.75
C MET A 350 -15.70 17.39 12.66
N LEU A 351 -15.70 16.07 12.79
CA LEU A 351 -14.46 15.27 12.75
C LEU A 351 -14.32 14.48 11.44
N GLU A 352 -13.10 14.41 10.91
CA GLU A 352 -12.85 13.65 9.69
C GLU A 352 -11.91 12.49 9.96
N VAL A 353 -12.32 11.30 9.53
CA VAL A 353 -11.50 10.09 9.68
C VAL A 353 -11.31 9.41 8.33
N SER A 354 -10.06 9.31 7.87
CA SER A 354 -9.79 8.77 6.54
C SER A 354 -9.89 7.25 6.55
N GLU A 355 -10.03 6.64 5.38
CA GLU A 355 -10.21 5.20 5.30
C GLU A 355 -9.71 4.66 3.96
N SER A 356 -9.08 3.49 3.99
CA SER A 356 -8.62 2.83 2.76
C SER A 356 -8.22 1.39 3.06
N LYS A 357 -7.74 0.66 2.05
CA LYS A 357 -7.25 -0.70 2.27
C LYS A 357 -6.02 -0.69 3.20
N TYR A 358 -5.29 0.41 3.24
CA TYR A 358 -4.14 0.49 4.14
C TYR A 358 -4.55 0.86 5.55
N LYS A 359 -5.74 1.43 5.67
CA LYS A 359 -6.20 2.00 6.94
C LYS A 359 -7.70 1.74 7.09
N PRO A 360 -8.06 0.52 7.47
CA PRO A 360 -9.49 0.18 7.56
C PRO A 360 -10.12 0.83 8.78
N VAL A 361 -11.44 0.98 8.76
CA VAL A 361 -12.15 1.66 9.82
C VAL A 361 -13.28 0.78 10.33
N ASN A 362 -13.40 0.63 11.65
CA ASN A 362 -14.52 -0.07 12.25
C ASN A 362 -15.68 0.90 12.42
N HIS A 363 -16.68 0.80 11.54
CA HIS A 363 -17.75 1.81 11.53
C HIS A 363 -18.72 1.71 12.70
N SER A 364 -18.85 0.52 13.26
CA SER A 364 -19.81 0.32 14.34
C SER A 364 -19.32 0.96 15.64
N THR A 365 -18.02 1.18 15.75
CA THR A 365 -17.46 1.86 16.93
C THR A 365 -16.93 3.27 16.62
N LEU A 366 -17.10 3.71 15.38
CA LEU A 366 -16.47 4.94 14.93
C LEU A 366 -16.87 6.19 15.71
N ILE A 367 -18.17 6.35 15.97
CA ILE A 367 -18.62 7.54 16.69
C ILE A 367 -18.08 7.56 18.12
N GLU A 368 -18.18 6.43 18.82
CA GLU A 368 -17.61 6.33 20.17
C GLU A 368 -16.09 6.55 20.18
N ASP A 369 -15.40 6.00 19.18
CA ASP A 369 -13.94 6.18 19.09
C ASP A 369 -13.54 7.64 18.91
N CYS A 370 -14.34 8.38 18.12
CA CYS A 370 -14.12 9.80 17.95
C CYS A 370 -14.31 10.57 19.26
N ILE A 371 -15.34 10.19 20.01
CA ILE A 371 -15.62 10.83 21.28
C ILE A 371 -14.48 10.58 22.26
N VAL A 372 -13.98 9.35 22.31
CA VAL A 372 -12.83 9.05 23.15
C VAL A 372 -11.65 9.91 22.68
N GLY A 373 -11.56 10.10 21.37
CA GLY A 373 -10.49 10.91 20.80
C GLY A 373 -10.61 12.36 21.23
N CYS A 374 -11.83 12.89 21.22
CA CYS A 374 -12.06 14.26 21.64
C CYS A 374 -11.67 14.47 23.10
N LEU A 375 -12.02 13.52 23.95
CA LEU A 375 -11.70 13.59 25.38
C LEU A 375 -10.20 13.54 25.59
N ALA A 376 -9.49 12.76 24.77
CA ALA A 376 -8.04 12.61 24.94
C ALA A 376 -7.27 13.73 24.24
N SER A 377 -7.96 14.54 23.44
CA SER A 377 -7.29 15.56 22.63
C SER A 377 -7.74 16.97 22.95
N ASN A 378 -8.30 17.17 24.14
CA ASN A 378 -8.65 18.52 24.51
C ASN A 378 -9.77 19.16 23.68
N LEU A 379 -10.70 18.36 23.18
CA LEU A 379 -11.84 18.93 22.46
C LEU A 379 -13.09 18.87 23.30
N LEU A 380 -13.24 17.79 24.06
CA LEU A 380 -14.43 17.63 24.91
C LEU A 380 -13.99 17.22 26.29
N LEU A 381 -14.87 17.47 27.26
CA LEU A 381 -14.66 17.10 28.64
C LEU A 381 -15.70 16.06 29.03
N PRO A 382 -15.43 15.29 30.09
CA PRO A 382 -16.33 14.21 30.48
C PRO A 382 -17.73 14.73 30.76
N GLU A 383 -17.82 15.98 31.22
CA GLU A 383 -19.11 16.57 31.57
C GLU A 383 -19.88 17.15 30.39
N ASP A 384 -19.29 17.17 29.19
CA ASP A 384 -19.99 17.71 28.02
C ASP A 384 -21.22 16.87 27.66
N LEU A 385 -22.27 17.56 27.26
CA LEU A 385 -23.54 16.91 26.94
C LEU A 385 -23.72 16.92 25.42
N LEU A 386 -23.74 15.74 24.82
CA LEU A 386 -23.72 15.64 23.36
C LEU A 386 -25.12 15.38 22.77
N VAL A 387 -25.41 16.08 21.69
CA VAL A 387 -26.65 15.89 20.96
C VAL A 387 -26.34 15.74 19.46
N SER A 388 -27.27 15.17 18.70
CA SER A 388 -27.08 15.05 17.26
C SER A 388 -25.82 14.33 16.80
N LYS A 389 -25.37 13.29 17.50
CA LYS A 389 -24.28 12.46 16.97
C LYS A 389 -24.65 11.89 15.58
N TRP A 390 -23.82 12.18 14.59
CA TRP A 390 -24.10 11.96 13.17
CA TRP A 390 -24.11 11.69 13.26
C TRP A 390 -22.85 11.36 12.51
N HIS A 391 -23.00 10.44 11.57
CA HIS A 391 -21.87 9.89 10.81
C HIS A 391 -22.26 9.68 9.37
N TYR A 392 -21.33 9.97 8.47
CA TYR A 392 -21.56 9.77 7.05
C TYR A 392 -20.27 9.31 6.41
N ARG A 393 -20.36 8.35 5.49
CA ARG A 393 -19.16 7.83 4.83
C ARG A 393 -19.19 8.10 3.33
N ILE A 394 -18.12 8.71 2.85
CA ILE A 394 -17.96 9.03 1.44
C ILE A 394 -16.97 8.03 0.82
N GLU A 395 -17.39 7.32 -0.23
CA GLU A 395 -16.52 6.31 -0.84
C GLU A 395 -15.29 6.97 -1.45
N LYS A 396 -15.52 8.00 -2.27
CA LYS A 396 -14.41 8.71 -2.88
C LYS A 396 -14.25 10.08 -2.23
N GLY A 397 -13.25 10.22 -1.36
CA GLY A 397 -13.09 11.44 -0.60
C GLY A 397 -11.95 12.30 -1.13
N TYR A 398 -10.76 11.74 -1.15
CA TYR A 398 -9.59 12.45 -1.66
C TYR A 398 -9.05 11.68 -2.85
N PRO A 399 -8.77 12.38 -3.96
CA PRO A 399 -8.07 11.72 -5.06
C PRO A 399 -6.56 11.77 -4.81
N THR A 400 -5.98 10.65 -4.38
CA THR A 400 -4.59 10.62 -3.94
C THR A 400 -3.66 11.03 -5.07
N PRO A 401 -2.73 11.95 -4.79
CA PRO A 401 -1.74 12.23 -5.85
C PRO A 401 -0.63 11.16 -5.82
N PHE A 402 -1.00 9.98 -6.29
CA PHE A 402 -0.12 8.82 -6.24
C PHE A 402 0.91 8.87 -7.35
N ILE A 403 2.05 8.23 -7.12
CA ILE A 403 3.11 8.14 -8.12
C ILE A 403 2.59 7.47 -9.39
N GLY A 404 2.75 8.14 -10.51
CA GLY A 404 2.26 7.63 -11.79
C GLY A 404 0.91 8.19 -12.22
N ARG A 405 0.28 9.02 -11.38
CA ARG A 405 -1.07 9.50 -11.68
C ARG A 405 -1.16 10.16 -13.06
N ASN A 406 -0.29 11.15 -13.30
CA ASN A 406 -0.29 11.87 -14.54
C ASN A 406 -0.11 10.99 -15.76
N ASN A 407 0.80 10.04 -15.68
CA ASN A 407 1.02 9.14 -16.79
CA ASN A 407 1.04 9.09 -16.76
C ASN A 407 -0.23 8.32 -17.09
N LEU A 408 -0.98 7.91 -16.06
CA LEU A 408 -2.23 7.19 -16.28
C LEU A 408 -3.30 8.09 -16.91
N LEU A 409 -3.53 9.27 -16.33
CA LEU A 409 -4.49 10.23 -16.89
C LEU A 409 -4.19 10.54 -18.35
N GLU A 410 -2.91 10.74 -18.65
CA GLU A 410 -2.49 11.05 -20.02
C GLU A 410 -2.76 9.93 -21.02
N LYS A 411 -2.85 8.69 -20.57
CA LYS A 411 -3.15 7.59 -21.47
C LYS A 411 -4.58 7.66 -22.01
N ALA A 412 -5.51 8.08 -21.16
CA ALA A 412 -6.93 7.99 -21.50
C ALA A 412 -7.65 9.33 -21.72
N GLN A 413 -7.30 10.35 -20.94
CA GLN A 413 -8.02 11.62 -21.06
C GLN A 413 -8.05 12.20 -22.49
N PRO A 414 -6.91 12.17 -23.20
CA PRO A 414 -6.97 12.75 -24.54
C PRO A 414 -7.86 11.91 -25.48
N GLU A 415 -7.86 10.59 -25.28
CA GLU A 415 -8.75 9.72 -26.05
C GLU A 415 -10.21 10.03 -25.78
N LEU A 416 -10.57 10.20 -24.50
CA LEU A 416 -11.91 10.60 -24.13
C LEU A 416 -12.28 11.94 -24.76
N MET A 417 -11.39 12.91 -24.67
CA MET A 417 -11.67 14.24 -25.20
C MET A 417 -11.84 14.25 -26.72
N SER A 418 -11.10 13.39 -27.41
CA SER A 418 -11.18 13.34 -28.88
C SER A 418 -12.53 12.76 -29.31
N ARG A 419 -13.25 12.15 -28.36
CA ARG A 419 -14.57 11.63 -28.64
C ARG A 419 -15.62 12.46 -27.93
N CYS A 420 -15.27 13.69 -27.59
CA CYS A 420 -16.21 14.68 -27.06
C CYS A 420 -16.63 14.41 -25.62
N ILE A 421 -15.87 13.57 -24.92
CA ILE A 421 -16.10 13.30 -23.52
C ILE A 421 -15.08 14.04 -22.64
N TYR A 422 -15.55 15.03 -21.87
CA TYR A 422 -14.68 15.76 -20.94
C TYR A 422 -14.90 15.25 -19.52
N SER A 423 -13.87 14.61 -18.96
CA SER A 423 -13.95 14.11 -17.59
C SER A 423 -13.26 15.09 -16.65
N ARG A 424 -14.04 15.80 -15.84
CA ARG A 424 -13.51 16.93 -15.08
C ARG A 424 -14.02 16.92 -13.64
N GLY A 425 -13.33 17.67 -12.78
CA GLY A 425 -13.70 17.78 -11.39
C GLY A 425 -12.73 17.08 -10.45
N ARG A 426 -13.07 17.05 -9.17
CA ARG A 426 -12.20 16.47 -8.15
C ARG A 426 -11.85 15.01 -8.43
N PHE A 427 -12.86 14.19 -8.69
CA PHE A 427 -12.60 12.82 -9.12
C PHE A 427 -12.73 12.62 -10.65
N GLY A 428 -13.36 13.59 -11.32
CA GLY A 428 -13.47 13.54 -12.77
C GLY A 428 -12.10 13.66 -13.42
N ALA A 429 -11.25 14.53 -12.85
CA ALA A 429 -9.92 14.72 -13.40
C ALA A 429 -8.88 14.14 -12.45
N TRP A 430 -9.31 13.87 -11.22
CA TRP A 430 -8.45 13.22 -10.22
C TRP A 430 -7.20 14.04 -9.88
N ARG A 431 -7.28 15.36 -10.02
CA ARG A 431 -6.14 16.20 -9.63
C ARG A 431 -6.42 16.93 -8.32
N TYR A 432 -5.91 16.37 -7.23
CA TYR A 432 -6.03 16.96 -5.89
C TYR A 432 -5.62 18.43 -5.83
N GLU A 433 -4.50 18.79 -6.45
CA GLU A 433 -3.98 20.15 -6.34
C GLU A 433 -4.94 21.22 -6.91
N VAL A 434 -5.85 20.80 -7.79
CA VAL A 434 -6.94 21.68 -8.25
C VAL A 434 -8.27 21.00 -7.97
N GLY A 435 -8.43 20.59 -6.71
CA GLY A 435 -9.60 19.80 -6.31
C GLY A 435 -10.54 20.47 -5.31
N ASN A 436 -10.38 21.76 -5.07
CA ASN A 436 -11.28 22.50 -4.18
C ASN A 436 -12.54 22.95 -4.95
N GLN A 437 -13.46 23.62 -4.27
CA GLN A 437 -14.72 24.03 -4.91
C GLN A 437 -14.53 25.02 -6.05
N ASP A 438 -13.70 26.02 -5.84
CA ASP A 438 -13.46 26.99 -6.90
C ASP A 438 -12.83 26.33 -8.12
N HIS A 439 -11.79 25.52 -7.91
CA HIS A 439 -11.13 24.78 -9.00
C HIS A 439 -12.12 23.95 -9.81
N SER A 440 -12.96 23.20 -9.09
CA SER A 440 -13.92 22.30 -9.72
C SER A 440 -14.92 23.09 -10.55
N PHE A 441 -15.53 24.09 -9.92
CA PHE A 441 -16.49 24.92 -10.62
C PHE A 441 -15.86 25.46 -11.89
N MET A 442 -14.64 25.97 -11.77
CA MET A 442 -13.95 26.57 -12.92
C MET A 442 -13.57 25.54 -14.00
N GLN A 443 -13.26 24.31 -13.60
CA GLN A 443 -13.01 23.25 -14.60
C GLN A 443 -14.27 23.06 -15.44
N GLY A 444 -15.41 23.18 -14.80
CA GLY A 444 -16.68 23.10 -15.50
C GLY A 444 -16.85 24.26 -16.45
N VAL A 445 -16.59 25.49 -15.96
CA VAL A 445 -16.69 26.68 -16.80
C VAL A 445 -15.73 26.57 -17.99
N GLU A 446 -14.48 26.24 -17.71
CA GLU A 446 -13.47 26.15 -18.75
C GLU A 446 -13.76 25.05 -19.75
N ALA A 447 -14.41 23.98 -19.33
CA ALA A 447 -14.71 22.90 -20.25
C ALA A 447 -15.71 23.43 -21.26
N ILE A 448 -16.74 24.10 -20.78
CA ILE A 448 -17.71 24.73 -21.68
C ILE A 448 -17.05 25.70 -22.65
N ASP A 449 -16.09 26.50 -22.19
CA ASP A 449 -15.44 27.44 -23.11
C ASP A 449 -14.72 26.66 -24.20
N HIS A 450 -14.13 25.54 -23.83
CA HIS A 450 -13.34 24.77 -24.77
C HIS A 450 -14.24 24.08 -25.79
N VAL A 451 -15.33 23.48 -25.31
CA VAL A 451 -16.31 22.86 -26.18
C VAL A 451 -16.82 23.84 -27.23
N LEU A 452 -17.10 25.08 -26.82
CA LEU A 452 -17.71 26.07 -27.70
C LEU A 452 -16.70 26.86 -28.53
N GLY A 453 -15.42 26.52 -28.40
CA GLY A 453 -14.38 27.19 -29.14
C GLY A 453 -14.03 28.58 -28.64
N LEU A 454 -14.62 28.97 -27.52
CA LEU A 454 -14.36 30.27 -26.90
C LEU A 454 -12.99 30.35 -26.26
N ALA A 455 -12.37 29.20 -26.01
CA ALA A 455 -11.03 29.15 -25.43
C ALA A 455 -10.23 28.00 -26.01
N THR A 456 -8.92 28.19 -26.13
CA THR A 456 -8.01 27.20 -26.70
C THR A 456 -7.58 26.14 -25.68
N GLU A 457 -7.53 26.54 -24.42
CA GLU A 457 -7.02 25.69 -23.35
C GLU A 457 -7.97 25.63 -22.16
N GLU A 458 -7.85 24.56 -21.38
CA GLU A 458 -8.49 24.51 -20.08
C GLU A 458 -7.37 24.56 -19.04
N THR A 459 -7.04 25.76 -18.60
CA THR A 459 -5.83 25.96 -17.81
C THR A 459 -5.88 25.36 -16.41
N THR A 460 -7.05 25.35 -15.78
CA THR A 460 -7.13 24.83 -14.43
C THR A 460 -6.75 23.35 -14.40
N VAL A 461 -7.41 22.54 -15.22
CA VAL A 461 -7.21 21.10 -15.20
C VAL A 461 -5.86 20.68 -15.79
N ALA A 462 -5.33 21.49 -16.71
CA ALA A 462 -4.10 21.13 -17.41
C ALA A 462 -2.83 21.69 -16.76
N ASN A 463 -2.94 22.86 -16.15
CA ASN A 463 -1.78 23.60 -15.66
C ASN A 463 -1.99 24.13 -14.25
N PRO A 464 -2.00 23.24 -13.24
CA PRO A 464 -2.28 23.66 -11.86
C PRO A 464 -1.33 24.75 -11.33
N GLY A 465 -0.08 24.75 -11.80
CA GLY A 465 0.88 25.77 -11.40
C GLY A 465 0.44 27.18 -11.73
N ARG A 466 -0.11 27.37 -12.93
CA ARG A 466 -0.52 28.70 -13.40
C ARG A 466 -1.70 29.30 -12.63
N VAL A 467 -2.75 28.49 -12.42
CA VAL A 467 -3.95 28.96 -11.73
C VAL A 467 -3.70 29.27 -10.25
N ASN A 468 -2.83 28.48 -9.62
CA ASN A 468 -2.57 28.63 -8.19
C ASN A 468 -1.44 29.63 -7.88
N GLY A 469 -0.88 30.23 -8.91
CA GLY A 469 0.16 31.24 -8.73
C GLY A 469 -0.37 32.65 -8.99
N THR A 470 -1.43 32.74 -9.77
CA THR A 470 -2.06 34.01 -10.09
C THR A 470 -3.52 33.97 -9.66
N ARG A 471 -4.15 35.14 -9.62
CA ARG A 471 -5.60 35.19 -9.48
C ARG A 471 -6.16 35.56 -10.84
N ALA A 472 -7.08 34.74 -11.35
CA ALA A 472 -7.77 35.04 -12.60
C ALA A 472 -8.61 36.30 -12.40
N THR A 473 -8.61 37.18 -13.42
CA THR A 473 -9.19 38.53 -13.31
C THR A 473 -10.61 38.68 -13.85
N THR A 474 -10.98 37.82 -14.80
CA THR A 474 -12.20 38.02 -15.58
C THR A 474 -13.52 37.84 -14.81
N HIS A 475 -14.51 38.70 -15.11
CA HIS A 475 -15.76 38.73 -14.36
C HIS A 475 -16.87 37.78 -14.87
N PHE A 476 -17.86 37.57 -14.00
CA PHE A 476 -19.05 36.79 -14.29
C PHE A 476 -20.22 37.73 -14.57
N GLY A 477 -20.80 37.60 -15.76
CA GLY A 477 -21.73 38.60 -16.28
C GLY A 477 -23.04 38.80 -15.54
N LEU A 478 -23.56 37.75 -14.91
CA LEU A 478 -24.89 37.80 -14.32
C LEU A 478 -24.98 38.55 -12.98
N LEU A 479 -23.83 38.81 -12.36
CA LEU A 479 -23.78 39.40 -11.00
C LEU A 479 -24.50 40.75 -10.85
N THR B 9 -1.52 -35.81 29.34
CA THR B 9 -1.41 -36.04 27.90
C THR B 9 -2.59 -35.50 27.06
N PRO B 10 -2.60 -34.19 26.81
CA PRO B 10 -3.60 -33.58 25.92
C PRO B 10 -3.52 -34.09 24.48
N LYS B 11 -4.62 -33.98 23.75
CA LYS B 11 -4.66 -34.35 22.34
C LYS B 11 -4.12 -33.20 21.49
N ILE B 12 -3.10 -33.50 20.68
CA ILE B 12 -2.47 -32.50 19.83
C ILE B 12 -2.81 -32.75 18.36
N VAL B 13 -3.45 -31.78 17.73
CA VAL B 13 -3.76 -31.90 16.30
C VAL B 13 -2.89 -30.97 15.46
N ILE B 14 -2.25 -31.51 14.43
CA ILE B 14 -1.43 -30.73 13.53
C ILE B 14 -2.16 -30.55 12.21
N ILE B 15 -2.23 -29.30 11.73
CA ILE B 15 -2.81 -29.02 10.42
C ILE B 15 -1.70 -28.63 9.46
N GLY B 16 -1.44 -29.48 8.48
CA GLY B 16 -0.44 -29.22 7.47
C GLY B 16 0.77 -30.12 7.59
N ALA B 17 1.24 -30.61 6.44
CA ALA B 17 2.38 -31.50 6.42
C ALA B 17 3.50 -30.91 5.57
N GLY B 18 3.67 -29.59 5.66
CA GLY B 18 4.87 -28.95 5.15
C GLY B 18 5.96 -29.21 6.20
N PRO B 19 7.13 -28.60 6.03
CA PRO B 19 8.20 -28.82 7.02
C PRO B 19 7.77 -28.47 8.44
N THR B 20 6.90 -27.48 8.64
CA THR B 20 6.58 -27.10 10.01
C THR B 20 5.77 -28.19 10.72
N GLY B 21 4.69 -28.64 10.08
CA GLY B 21 3.85 -29.68 10.64
C GLY B 21 4.62 -30.97 10.80
N LEU B 22 5.47 -31.29 9.83
CA LEU B 22 6.28 -32.50 9.90
C LEU B 22 7.32 -32.41 11.02
N GLY B 23 7.76 -31.19 11.32
CA GLY B 23 8.62 -30.97 12.46
C GLY B 23 7.91 -31.32 13.77
N ALA B 24 6.68 -30.84 13.92
CA ALA B 24 5.89 -31.21 15.09
C ALA B 24 5.70 -32.72 15.16
N ALA B 25 5.35 -33.35 14.04
CA ALA B 25 5.10 -34.78 14.04
C ALA B 25 6.36 -35.60 14.36
N VAL B 26 7.50 -35.19 13.80
CA VAL B 26 8.73 -35.88 14.06
C VAL B 26 9.07 -35.76 15.54
N ARG B 27 8.88 -34.58 16.10
CA ARG B 27 9.22 -34.40 17.51
C ARG B 27 8.30 -35.26 18.39
N LEU B 28 7.00 -35.27 18.09
CA LEU B 28 6.07 -36.11 18.86
C LEU B 28 6.43 -37.59 18.75
N THR B 29 6.75 -38.04 17.53
CA THR B 29 7.14 -39.43 17.33
C THR B 29 8.42 -39.74 18.10
N GLU B 30 9.36 -38.80 18.11
CA GLU B 30 10.62 -39.02 18.81
C GLU B 30 10.36 -39.19 20.29
N LEU B 31 9.38 -38.45 20.81
CA LEU B 31 9.04 -38.54 22.23
C LEU B 31 8.15 -39.74 22.56
N GLY B 32 7.79 -40.50 21.53
CA GLY B 32 6.87 -41.62 21.71
C GLY B 32 5.48 -41.17 22.10
N TYR B 33 5.12 -39.93 21.80
CA TYR B 33 3.81 -39.42 22.15
C TYR B 33 2.75 -40.15 21.32
N LYS B 34 1.59 -40.40 21.92
CA LYS B 34 0.56 -41.22 21.29
C LYS B 34 -0.70 -40.41 20.92
N ASN B 35 -1.03 -39.41 21.72
CA ASN B 35 -2.30 -38.71 21.56
C ASN B 35 -2.21 -37.51 20.61
N TRP B 36 -1.93 -37.78 19.34
CA TRP B 36 -1.85 -36.74 18.34
C TRP B 36 -2.25 -37.24 16.97
N HIS B 37 -2.54 -36.31 16.07
CA HIS B 37 -2.86 -36.64 14.70
C HIS B 37 -2.54 -35.45 13.78
N LEU B 38 -2.12 -35.76 12.56
CA LEU B 38 -1.78 -34.73 11.58
C LEU B 38 -2.70 -34.84 10.38
N TYR B 39 -3.26 -33.71 9.95
CA TYR B 39 -4.13 -33.66 8.76
C TYR B 39 -3.53 -32.76 7.68
N GLU B 40 -3.49 -33.27 6.45
CA GLU B 40 -3.04 -32.53 5.28
C GLU B 40 -4.00 -32.78 4.12
N CYS B 41 -4.32 -31.75 3.36
CA CYS B 41 -5.31 -31.87 2.28
C CYS B 41 -4.67 -32.33 0.96
N ASN B 42 -3.39 -32.02 0.76
CA ASN B 42 -2.67 -32.57 -0.39
C ASN B 42 -2.39 -34.04 -0.21
N ASP B 43 -2.09 -34.74 -1.30
CA ASP B 43 -1.77 -36.16 -1.23
C ASP B 43 -0.31 -36.34 -0.84
N THR B 44 0.50 -35.30 -1.07
CA THR B 44 1.93 -35.37 -0.85
C THR B 44 2.39 -34.40 0.24
N PRO B 45 3.33 -34.84 1.08
CA PRO B 45 3.95 -33.99 2.12
C PRO B 45 4.99 -33.04 1.54
N GLY B 46 5.24 -31.92 2.23
CA GLY B 46 6.30 -31.02 1.84
C GLY B 46 5.83 -29.59 1.56
N GLY B 47 4.52 -29.42 1.37
CA GLY B 47 3.97 -28.10 1.08
C GLY B 47 4.78 -27.37 0.01
N LEU B 48 5.22 -26.16 0.35
CA LEU B 48 5.97 -25.32 -0.59
C LEU B 48 7.28 -25.97 -1.02
N SER B 49 7.74 -26.95 -0.25
CA SER B 49 9.02 -27.59 -0.49
C SER B 49 8.87 -28.91 -1.25
N ARG B 50 7.65 -29.22 -1.67
CA ARG B 50 7.39 -30.40 -2.49
C ARG B 50 8.23 -30.43 -3.74
N SER B 51 8.66 -31.62 -4.10
CA SER B 51 9.33 -31.87 -5.36
C SER B 51 8.59 -32.98 -6.09
N PHE B 52 8.85 -33.12 -7.39
CA PHE B 52 8.21 -34.16 -8.17
C PHE B 52 9.03 -34.52 -9.42
N LEU B 53 8.53 -35.52 -10.16
CA LEU B 53 9.20 -36.10 -11.32
C LEU B 53 8.27 -36.11 -12.51
N ASP B 54 8.63 -35.46 -13.62
CA ASP B 54 7.76 -35.46 -14.80
C ASP B 54 7.95 -36.67 -15.73
N GLU B 55 7.14 -36.72 -16.78
CA GLU B 55 7.14 -37.86 -17.72
C GLU B 55 8.51 -38.05 -18.41
N ASN B 56 9.20 -36.94 -18.64
CA ASN B 56 10.50 -36.97 -19.33
C ASN B 56 11.68 -37.27 -18.41
N GLY B 57 11.42 -37.43 -17.11
CA GLY B 57 12.48 -37.83 -16.19
C GLY B 57 13.18 -36.66 -15.54
N PHE B 58 12.53 -35.49 -15.57
CA PHE B 58 13.05 -34.29 -14.92
C PHE B 58 12.55 -34.17 -13.48
N THR B 59 13.45 -33.98 -12.54
CA THR B 59 13.05 -33.64 -11.19
C THR B 59 12.83 -32.15 -11.08
N TRP B 60 11.65 -31.75 -10.63
CA TRP B 60 11.33 -30.35 -10.43
C TRP B 60 10.89 -30.04 -9.00
N ASP B 61 10.92 -28.77 -8.65
CA ASP B 61 10.30 -28.34 -7.41
C ASP B 61 9.84 -26.91 -7.56
N LEU B 62 9.54 -26.23 -6.46
CA LEU B 62 8.95 -24.90 -6.55
C LEU B 62 9.97 -23.78 -6.32
N GLY B 63 10.97 -23.67 -7.18
CA GLY B 63 11.93 -22.59 -7.05
C GLY B 63 13.37 -23.02 -6.82
N GLY B 64 13.62 -24.32 -6.91
CA GLY B 64 14.97 -24.84 -6.74
C GLY B 64 15.47 -24.69 -5.32
N HIS B 65 14.90 -25.45 -4.39
CA HIS B 65 15.27 -25.28 -2.99
C HIS B 65 16.61 -25.96 -2.69
N VAL B 66 17.39 -25.33 -1.81
CA VAL B 66 18.60 -25.95 -1.27
C VAL B 66 18.53 -25.85 0.26
N ILE B 67 19.26 -26.71 0.95
CA ILE B 67 19.23 -26.72 2.41
C ILE B 67 20.46 -26.07 3.01
N PHE B 68 20.25 -25.06 3.85
CA PHE B 68 21.33 -24.47 4.65
C PHE B 68 20.83 -24.30 6.07
N SER B 69 21.24 -25.21 6.94
CA SER B 69 20.58 -25.42 8.22
C SER B 69 21.26 -24.65 9.34
N HIS B 70 20.46 -24.07 10.23
CA HIS B 70 21.00 -23.39 11.41
C HIS B 70 20.96 -24.29 12.65
N TYR B 71 20.57 -25.55 12.47
CA TYR B 71 20.28 -26.42 13.63
C TYR B 71 20.81 -27.82 13.46
N GLN B 72 21.59 -28.29 14.42
CA GLN B 72 22.02 -29.68 14.44
C GLN B 72 20.84 -30.65 14.45
N TYR B 73 19.78 -30.32 15.17
CA TYR B 73 18.63 -31.22 15.25
C TYR B 73 18.12 -31.49 13.84
N PHE B 74 17.95 -30.41 13.06
CA PHE B 74 17.45 -30.53 11.70
C PHE B 74 18.46 -31.29 10.85
N ASP B 75 19.75 -31.02 11.06
CA ASP B 75 20.80 -31.76 10.35
C ASP B 75 20.64 -33.26 10.60
N ASP B 76 20.46 -33.62 11.88
CA ASP B 76 20.31 -35.02 12.28
C ASP B 76 19.11 -35.64 11.57
N VAL B 77 17.98 -34.92 11.56
CA VAL B 77 16.77 -35.43 10.91
C VAL B 77 16.99 -35.69 9.43
N MET B 78 17.69 -34.78 8.78
CA MET B 78 17.98 -34.93 7.37
C MET B 78 18.85 -36.14 7.05
N ASP B 79 19.85 -36.40 7.90
CA ASP B 79 20.70 -37.58 7.74
C ASP B 79 19.93 -38.89 7.92
N TRP B 80 19.05 -38.90 8.89
CA TRP B 80 18.15 -40.02 9.15
C TRP B 80 17.13 -40.22 8.03
N ALA B 81 16.56 -39.13 7.53
CA ALA B 81 15.51 -39.24 6.52
C ALA B 81 16.07 -39.66 5.16
N VAL B 82 17.22 -39.12 4.80
CA VAL B 82 17.72 -39.27 3.43
C VAL B 82 19.18 -39.69 3.41
N GLN B 83 19.48 -40.69 2.60
CA GLN B 83 20.85 -41.12 2.36
C GLN B 83 21.30 -40.70 0.96
N GLY B 84 22.46 -40.07 0.85
CA GLY B 84 22.93 -39.60 -0.44
C GLY B 84 22.70 -38.11 -0.64
N TRP B 85 23.70 -37.32 -0.23
CA TRP B 85 23.63 -35.86 -0.24
C TRP B 85 24.81 -35.27 -1.00
N ASN B 86 24.58 -34.15 -1.68
CA ASN B 86 25.68 -33.35 -2.20
C ASN B 86 25.84 -32.11 -1.36
N VAL B 87 27.09 -31.69 -1.19
CA VAL B 87 27.38 -30.43 -0.53
C VAL B 87 28.07 -29.55 -1.57
N LEU B 88 27.60 -28.32 -1.74
CA LEU B 88 28.11 -27.44 -2.79
C LEU B 88 28.57 -26.08 -2.27
N GLN B 89 29.58 -25.51 -2.91
CA GLN B 89 29.92 -24.13 -2.66
C GLN B 89 29.01 -23.29 -3.54
N ARG B 90 28.34 -22.31 -2.95
CA ARG B 90 27.43 -21.45 -3.71
C ARG B 90 28.18 -20.70 -4.80
N GLU B 91 27.67 -20.78 -6.02
CA GLU B 91 28.19 -19.95 -7.10
C GLU B 91 27.05 -19.16 -7.71
N SER B 92 26.83 -17.94 -7.24
CA SER B 92 25.70 -17.19 -7.74
C SER B 92 26.15 -15.84 -8.26
N TRP B 93 25.43 -15.36 -9.27
CA TRP B 93 25.83 -14.18 -10.01
C TRP B 93 24.63 -13.27 -10.23
N VAL B 94 24.92 -12.01 -10.53
CA VAL B 94 23.92 -11.02 -10.87
C VAL B 94 24.20 -10.58 -12.30
N TRP B 95 23.22 -10.75 -13.19
CA TRP B 95 23.34 -10.29 -14.57
C TRP B 95 22.89 -8.84 -14.68
N VAL B 96 23.84 -7.94 -14.83
CA VAL B 96 23.52 -6.53 -14.74
C VAL B 96 24.52 -5.67 -15.53
N ARG B 97 23.99 -4.69 -16.27
CA ARG B 97 24.83 -3.84 -17.11
C ARG B 97 25.75 -4.64 -18.02
N GLY B 98 25.27 -5.79 -18.47
CA GLY B 98 26.00 -6.62 -19.42
C GLY B 98 27.13 -7.41 -18.82
N ARG B 99 27.18 -7.52 -17.49
CA ARG B 99 28.24 -8.29 -16.84
C ARG B 99 27.66 -9.26 -15.84
N TRP B 100 28.43 -10.30 -15.54
CA TRP B 100 28.15 -11.20 -14.43
C TRP B 100 28.87 -10.70 -13.18
N VAL B 101 28.11 -10.08 -12.28
CA VAL B 101 28.67 -9.57 -11.05
C VAL B 101 28.46 -10.63 -9.98
N PRO B 102 29.54 -10.98 -9.25
CA PRO B 102 29.45 -11.98 -8.19
C PRO B 102 28.50 -11.53 -7.07
N TYR B 103 27.66 -12.45 -6.60
CA TYR B 103 26.85 -12.16 -5.44
C TYR B 103 27.78 -11.98 -4.23
N PRO B 104 27.47 -11.02 -3.34
CA PRO B 104 26.38 -10.04 -3.43
C PRO B 104 26.75 -8.87 -4.32
N PHE B 105 25.77 -8.32 -5.05
CA PHE B 105 26.01 -7.20 -5.94
C PHE B 105 26.80 -6.08 -5.26
N GLN B 106 26.32 -5.67 -4.09
CA GLN B 106 26.83 -4.45 -3.47
C GLN B 106 28.30 -4.56 -3.06
N ASN B 107 28.78 -5.78 -2.84
CA ASN B 107 30.17 -6.00 -2.44
C ASN B 107 31.12 -6.13 -3.62
N ASN B 108 30.56 -6.22 -4.83
CA ASN B 108 31.38 -6.57 -5.99
C ASN B 108 31.25 -5.60 -7.17
N ILE B 109 31.04 -4.31 -6.86
CA ILE B 109 30.81 -3.31 -7.89
C ILE B 109 32.00 -3.13 -8.84
N HIS B 110 33.16 -3.67 -8.47
CA HIS B 110 34.34 -3.62 -9.35
C HIS B 110 34.11 -4.40 -10.66
N ARG B 111 33.09 -5.26 -10.68
CA ARG B 111 32.75 -6.02 -11.89
C ARG B 111 31.74 -5.33 -12.80
N LEU B 112 31.31 -4.10 -12.46
CA LEU B 112 30.44 -3.33 -13.34
C LEU B 112 31.30 -2.70 -14.43
N PRO B 113 30.70 -2.25 -15.54
CA PRO B 113 31.49 -1.45 -16.48
C PRO B 113 32.02 -0.21 -15.76
N GLU B 114 33.15 0.31 -16.23
CA GLU B 114 33.83 1.40 -15.53
C GLU B 114 32.89 2.54 -15.14
N GLN B 115 32.08 2.98 -16.10
CA GLN B 115 31.19 4.11 -15.88
C GLN B 115 30.21 3.85 -14.71
N ASP B 116 29.66 2.64 -14.64
CA ASP B 116 28.70 2.29 -13.60
C ASP B 116 29.39 2.06 -12.26
N ARG B 117 30.59 1.48 -12.31
CA ARG B 117 31.33 1.24 -11.09
C ARG B 117 31.68 2.57 -10.43
N LYS B 118 32.12 3.53 -11.24
CA LYS B 118 32.51 4.84 -10.72
C LYS B 118 31.31 5.52 -10.09
N ARG B 119 30.18 5.44 -10.77
CA ARG B 119 28.97 6.07 -10.26
C ARG B 119 28.60 5.44 -8.94
N CYS B 120 28.66 4.11 -8.86
CA CYS B 120 28.36 3.42 -7.61
C CYS B 120 29.32 3.81 -6.50
N LEU B 121 30.60 3.93 -6.83
CA LEU B 121 31.59 4.25 -5.81
C LEU B 121 31.42 5.69 -5.33
N ASP B 122 31.21 6.61 -6.27
CA ASP B 122 31.07 8.02 -5.90
C ASP B 122 29.86 8.23 -5.01
N GLU B 123 28.76 7.54 -5.32
CA GLU B 123 27.53 7.71 -4.56
C GLU B 123 27.64 7.03 -3.19
N LEU B 124 28.46 5.98 -3.11
CA LEU B 124 28.71 5.34 -1.83
C LEU B 124 29.56 6.26 -0.95
N VAL B 125 30.53 6.93 -1.56
CA VAL B 125 31.35 7.90 -0.86
C VAL B 125 30.50 9.05 -0.32
N ARG B 126 29.61 9.58 -1.16
CA ARG B 126 28.69 10.62 -0.73
C ARG B 126 27.78 10.18 0.43
N SER B 127 27.21 8.99 0.35
CA SER B 127 26.28 8.57 1.41
C SER B 127 27.06 8.19 2.66
N HIS B 128 28.30 7.77 2.50
CA HIS B 128 29.13 7.48 3.64
C HIS B 128 29.44 8.76 4.40
N ALA B 129 29.47 9.88 3.67
CA ALA B 129 29.74 11.18 4.26
C ALA B 129 28.54 11.76 5.01
N ARG B 130 27.33 11.32 4.65
CA ARG B 130 26.12 11.82 5.30
C ARG B 130 25.86 11.06 6.61
N THR B 131 25.67 11.82 7.70
CA THR B 131 25.45 11.26 9.04
C THR B 131 23.97 11.33 9.44
N TYR B 132 23.50 10.33 10.17
CA TYR B 132 22.11 10.31 10.64
C TYR B 132 21.96 10.02 12.12
N THR B 133 21.02 10.71 12.75
CA THR B 133 20.74 10.56 14.17
C THR B 133 19.99 9.28 14.49
N GLU B 134 19.08 8.91 13.61
CA GLU B 134 18.19 7.79 13.86
C GLU B 134 18.31 6.76 12.75
N PRO B 135 17.95 5.51 13.04
CA PRO B 135 17.96 4.46 12.03
C PRO B 135 16.89 4.75 10.96
N PRO B 136 17.03 4.15 9.77
CA PRO B 136 16.04 4.32 8.71
C PRO B 136 14.68 3.74 9.08
N ASN B 137 13.60 4.33 8.56
CA ASN B 137 12.25 3.90 8.91
C ASN B 137 11.69 2.81 8.01
N ASN B 138 12.32 2.59 6.86
CA ASN B 138 11.87 1.57 5.92
C ASN B 138 13.03 1.02 5.10
N PHE B 139 12.81 -0.14 4.49
CA PHE B 139 13.85 -0.84 3.74
C PHE B 139 14.52 0.03 2.67
N GLU B 140 13.74 0.73 1.86
CA GLU B 140 14.33 1.55 0.82
C GLU B 140 15.24 2.67 1.37
N GLU B 141 14.78 3.37 2.40
CA GLU B 141 15.60 4.39 3.04
C GLU B 141 16.90 3.79 3.59
N SER B 142 16.80 2.58 4.13
CA SER B 142 17.94 1.87 4.69
C SER B 142 18.96 1.50 3.62
N PHE B 143 18.52 0.83 2.55
CA PHE B 143 19.48 0.43 1.54
C PHE B 143 20.02 1.63 0.76
N THR B 144 19.25 2.71 0.70
CA THR B 144 19.74 3.91 0.04
C THR B 144 20.81 4.60 0.88
N ARG B 145 20.59 4.68 2.19
CA ARG B 145 21.59 5.23 3.11
C ARG B 145 22.86 4.39 3.13
N GLN B 146 22.67 3.08 3.21
CA GLN B 146 23.77 2.15 3.40
C GLN B 146 24.66 2.02 2.16
N PHE B 147 24.07 2.05 0.96
CA PHE B 147 24.82 1.78 -0.26
C PHE B 147 24.94 2.94 -1.24
N GLY B 148 24.17 4.01 -1.03
CA GLY B 148 24.22 5.13 -1.94
C GLY B 148 23.36 4.97 -3.19
N GLU B 149 23.18 6.07 -3.89
CA GLU B 149 22.22 6.18 -4.99
C GLU B 149 22.56 5.30 -6.20
N GLY B 150 23.85 5.06 -6.41
CA GLY B 150 24.29 4.28 -7.56
C GLY B 150 23.87 2.82 -7.41
N ILE B 151 24.18 2.25 -6.25
CA ILE B 151 23.82 0.87 -5.96
C ILE B 151 22.30 0.73 -5.86
N ALA B 152 21.64 1.75 -5.31
CA ALA B 152 20.19 1.76 -5.22
C ALA B 152 19.54 1.74 -6.61
N ASP B 153 20.03 2.60 -7.50
CA ASP B 153 19.44 2.74 -8.82
C ASP B 153 19.70 1.53 -9.72
N ILE B 154 20.92 1.00 -9.65
CA ILE B 154 21.33 -0.06 -10.56
C ILE B 154 20.84 -1.42 -10.09
N PHE B 155 20.79 -1.62 -8.76
CA PHE B 155 20.39 -2.91 -8.22
C PHE B 155 19.24 -2.89 -7.20
N MET B 156 19.42 -2.20 -6.08
CA MET B 156 18.50 -2.37 -4.95
C MET B 156 17.05 -2.03 -5.25
N ARG B 157 16.82 -0.88 -5.88
CA ARG B 157 15.44 -0.51 -6.19
C ARG B 157 14.82 -1.49 -7.16
N PRO B 158 15.44 -1.66 -8.33
CA PRO B 158 14.78 -2.52 -9.33
C PRO B 158 14.73 -3.98 -8.91
N TYR B 159 15.81 -4.50 -8.30
CA TYR B 159 15.80 -5.91 -7.96
C TYR B 159 14.73 -6.21 -6.90
N ASN B 160 14.66 -5.39 -5.86
CA ASN B 160 13.70 -5.62 -4.78
C ASN B 160 12.23 -5.55 -5.18
N PHE B 161 11.89 -4.57 -6.01
CA PHE B 161 10.53 -4.58 -6.53
C PHE B 161 10.30 -5.85 -7.34
N LYS B 162 11.30 -6.24 -8.12
CA LYS B 162 11.15 -7.39 -9.01
C LYS B 162 11.00 -8.72 -8.27
N VAL B 163 11.62 -8.86 -7.10
CA VAL B 163 11.35 -10.06 -6.29
C VAL B 163 10.18 -9.91 -5.31
N TRP B 164 10.15 -8.82 -4.55
CA TRP B 164 9.11 -8.66 -3.52
C TRP B 164 7.75 -8.31 -4.10
N ALA B 165 7.72 -7.74 -5.30
CA ALA B 165 6.47 -7.27 -5.93
C ALA B 165 5.72 -6.29 -5.01
N VAL B 166 6.47 -5.51 -4.25
CA VAL B 166 5.90 -4.55 -3.32
C VAL B 166 6.93 -3.42 -3.28
N PRO B 167 6.47 -2.16 -3.27
CA PRO B 167 7.51 -1.11 -3.24
C PRO B 167 8.32 -1.26 -1.96
N PRO B 168 9.66 -1.18 -2.06
CA PRO B 168 10.48 -1.45 -0.86
C PRO B 168 10.30 -0.44 0.27
N CYS B 169 9.78 0.75 -0.01
CA CYS B 169 9.54 1.72 1.04
C CYS B 169 8.42 1.27 1.98
N LEU B 170 7.73 0.20 1.62
CA LEU B 170 6.67 -0.34 2.47
C LEU B 170 7.19 -1.47 3.34
N MET B 171 8.47 -1.81 3.18
CA MET B 171 9.04 -2.93 3.95
C MET B 171 9.84 -2.44 5.17
N SER B 172 9.88 -3.27 6.20
CA SER B 172 10.60 -2.94 7.44
C SER B 172 12.09 -3.22 7.26
N THR B 173 12.86 -2.97 8.32
CA THR B 173 14.31 -3.16 8.26
C THR B 173 14.74 -4.26 9.19
N GLU B 174 13.76 -4.91 9.81
CA GLU B 174 13.97 -5.94 10.84
C GLU B 174 14.68 -7.19 10.33
N TRP B 175 14.42 -7.54 9.07
CA TRP B 175 14.63 -8.90 8.56
C TRP B 175 15.96 -9.12 7.85
N VAL B 176 16.82 -8.11 7.82
CA VAL B 176 17.89 -8.11 6.84
C VAL B 176 19.20 -8.79 7.26
N GLU B 177 19.35 -9.04 8.56
CA GLU B 177 20.62 -9.49 9.12
C GLU B 177 21.34 -10.50 8.24
N GLU B 178 20.67 -11.60 7.90
CA GLU B 178 21.29 -12.68 7.14
C GLU B 178 20.91 -12.63 5.68
N ARG B 179 20.40 -11.50 5.21
CA ARG B 179 19.94 -11.45 3.84
C ARG B 179 20.63 -10.39 3.00
N VAL B 180 20.90 -9.24 3.60
CA VAL B 180 21.43 -8.10 2.86
C VAL B 180 22.81 -7.76 3.38
N ALA B 181 23.85 -8.10 2.62
CA ALA B 181 25.23 -7.92 3.06
C ALA B 181 25.61 -6.45 3.19
N PRO B 182 26.32 -6.10 4.27
CA PRO B 182 26.86 -4.75 4.45
C PRO B 182 28.08 -4.56 3.58
N VAL B 183 28.48 -3.31 3.36
CA VAL B 183 29.70 -3.04 2.61
C VAL B 183 30.65 -2.26 3.48
N ASP B 184 31.91 -2.27 3.05
CA ASP B 184 32.97 -1.56 3.75
C ASP B 184 33.69 -0.80 2.66
N LEU B 185 33.68 0.52 2.77
CA LEU B 185 34.20 1.39 1.71
C LEU B 185 35.69 1.16 1.40
N GLU B 186 36.50 0.86 2.42
CA GLU B 186 37.92 0.66 2.20
C GLU B 186 38.17 -0.67 1.50
N ARG B 187 37.50 -1.72 1.98
CA ARG B 187 37.52 -3.01 1.31
C ARG B 187 37.14 -2.85 -0.18
N ILE B 188 36.05 -2.15 -0.44
CA ILE B 188 35.61 -1.93 -1.83
C ILE B 188 36.64 -1.17 -2.68
N ARG B 189 37.22 -0.11 -2.13
CA ARG B 189 38.26 0.62 -2.84
C ARG B 189 39.45 -0.28 -3.20
N ARG B 190 39.79 -1.20 -2.29
CA ARG B 190 40.84 -2.16 -2.56
C ARG B 190 40.39 -3.16 -3.63
N ASN B 191 39.17 -3.68 -3.51
CA ASN B 191 38.65 -4.62 -4.50
C ASN B 191 38.79 -4.01 -5.89
N ILE B 192 38.53 -2.71 -5.97
CA ILE B 192 38.61 -2.01 -7.24
C ILE B 192 40.05 -1.92 -7.75
N GLN B 193 40.99 -1.67 -6.84
CA GLN B 193 42.39 -1.60 -7.22
C GLN B 193 42.93 -2.95 -7.66
N GLU B 194 42.35 -4.04 -7.17
CA GLU B 194 42.92 -5.36 -7.40
C GLU B 194 42.01 -6.29 -8.20
N ASN B 195 40.89 -5.77 -8.70
CA ASN B 195 39.78 -6.62 -9.18
C ASN B 195 39.63 -7.87 -8.34
N ARG B 196 39.46 -7.67 -7.05
CA ARG B 196 39.35 -8.78 -6.10
C ARG B 196 37.88 -9.03 -5.72
N ASP B 197 37.36 -10.19 -6.12
CA ASP B 197 36.01 -10.55 -5.76
C ASP B 197 35.88 -10.76 -4.26
N ASP B 198 34.74 -10.36 -3.72
CA ASP B 198 34.45 -10.53 -2.29
C ASP B 198 33.40 -11.61 -2.18
N LEU B 199 33.84 -12.79 -1.80
CA LEU B 199 33.05 -14.01 -1.90
C LEU B 199 32.82 -14.66 -0.54
N GLY B 200 31.78 -15.46 -0.45
CA GLY B 200 31.57 -16.34 0.68
C GLY B 200 30.58 -15.82 1.72
N TRP B 201 30.04 -14.62 1.52
CA TRP B 201 29.10 -14.06 2.49
C TRP B 201 27.80 -14.84 2.53
N GLY B 202 27.23 -14.98 3.73
CA GLY B 202 25.86 -15.45 3.88
C GLY B 202 25.71 -16.89 4.35
N PRO B 203 24.53 -17.21 4.92
CA PRO B 203 24.33 -18.53 5.54
C PRO B 203 24.21 -19.62 4.50
N ASN B 204 24.04 -19.25 3.23
CA ASN B 204 23.96 -20.25 2.18
C ASN B 204 25.19 -20.28 1.27
N ALA B 205 26.32 -19.75 1.73
CA ALA B 205 27.58 -19.84 0.99
C ALA B 205 27.96 -21.31 0.72
N THR B 206 27.45 -22.19 1.56
CA THR B 206 27.59 -23.62 1.38
C THR B 206 26.22 -24.23 1.62
N PHE B 207 25.83 -25.22 0.84
CA PHE B 207 24.49 -25.78 1.02
C PHE B 207 24.47 -27.24 0.66
N ARG B 208 23.45 -27.95 1.13
CA ARG B 208 23.33 -29.35 0.77
C ARG B 208 22.06 -29.59 -0.01
N PHE B 209 22.08 -30.69 -0.75
CA PHE B 209 21.04 -31.01 -1.68
C PHE B 209 21.01 -32.53 -1.86
N PRO B 210 19.84 -33.15 -1.71
CA PRO B 210 19.78 -34.61 -1.91
C PRO B 210 20.18 -35.01 -3.33
N GLN B 211 20.92 -36.09 -3.45
CA GLN B 211 21.32 -36.57 -4.76
C GLN B 211 20.11 -36.93 -5.64
N ARG B 212 19.02 -37.37 -5.02
CA ARG B 212 17.85 -37.78 -5.80
C ARG B 212 16.58 -37.28 -5.16
N GLY B 213 15.70 -36.72 -5.99
CA GLY B 213 14.38 -36.33 -5.55
C GLY B 213 14.16 -34.89 -5.12
N GLY B 214 15.22 -34.08 -5.07
CA GLY B 214 15.07 -32.69 -4.62
C GLY B 214 14.80 -32.64 -3.12
N THR B 215 14.82 -31.44 -2.53
CA THR B 215 14.61 -31.35 -1.08
C THR B 215 13.26 -31.94 -0.70
N GLY B 216 12.33 -31.98 -1.64
CA GLY B 216 11.02 -32.55 -1.37
C GLY B 216 11.08 -34.00 -0.89
N ILE B 217 12.15 -34.69 -1.24
CA ILE B 217 12.26 -36.12 -0.91
C ILE B 217 12.46 -36.27 0.59
N ILE B 218 12.99 -35.23 1.23
CA ILE B 218 13.17 -35.25 2.68
C ILE B 218 11.82 -35.50 3.34
N TYR B 219 10.81 -34.79 2.86
CA TYR B 219 9.50 -34.84 3.49
C TYR B 219 8.73 -36.10 3.11
N GLN B 220 8.96 -36.60 1.90
CA GLN B 220 8.35 -37.87 1.52
C GLN B 220 8.96 -38.97 2.39
N ALA B 221 10.28 -38.91 2.57
CA ALA B 221 10.95 -39.92 3.37
C ALA B 221 10.48 -39.85 4.82
N ILE B 222 10.30 -38.63 5.33
CA ILE B 222 9.84 -38.47 6.71
C ILE B 222 8.46 -39.10 6.89
N LYS B 223 7.56 -38.82 5.95
CA LYS B 223 6.21 -39.38 6.02
C LYS B 223 6.26 -40.90 6.16
N GLU B 224 7.04 -41.55 5.29
CA GLU B 224 7.16 -43.01 5.32
C GLU B 224 7.62 -43.52 6.68
N LYS B 225 8.43 -42.73 7.37
CA LYS B 225 9.01 -43.19 8.62
C LYS B 225 8.10 -42.93 9.83
N LEU B 226 7.08 -42.10 9.64
CA LEU B 226 6.19 -41.76 10.74
C LEU B 226 5.08 -42.81 10.86
N PRO B 227 4.43 -42.90 12.04
CA PRO B 227 3.35 -43.88 12.21
C PRO B 227 2.14 -43.49 11.36
N SER B 228 1.79 -44.32 10.40
CA SER B 228 0.78 -43.96 9.40
C SER B 228 -0.61 -43.75 9.99
N GLU B 229 -0.91 -44.41 11.11
CA GLU B 229 -2.23 -44.28 11.70
C GLU B 229 -2.45 -42.86 12.24
N LYS B 230 -1.37 -42.08 12.34
CA LYS B 230 -1.49 -40.76 12.93
C LYS B 230 -1.48 -39.64 11.90
N LEU B 231 -1.44 -40.02 10.62
CA LEU B 231 -1.44 -39.05 9.52
C LEU B 231 -2.67 -39.24 8.64
N THR B 232 -3.20 -38.12 8.15
CA THR B 232 -4.26 -38.15 7.14
C THR B 232 -3.92 -37.22 5.98
N PHE B 233 -3.72 -37.79 4.81
CA PHE B 233 -3.45 -37.03 3.60
C PHE B 233 -4.60 -37.21 2.63
N ASN B 234 -5.59 -36.33 2.68
CA ASN B 234 -6.81 -36.50 1.91
C ASN B 234 -7.42 -35.17 1.53
N SER B 235 -7.76 -34.99 0.25
CA SER B 235 -8.30 -33.71 -0.24
C SER B 235 -9.55 -33.28 0.54
N GLY B 236 -10.20 -34.24 1.17
CA GLY B 236 -11.38 -33.98 1.98
C GLY B 236 -11.07 -33.35 3.32
N PHE B 237 -9.83 -33.49 3.78
CA PHE B 237 -9.45 -32.96 5.09
C PHE B 237 -8.74 -31.61 5.00
N GLN B 238 -9.32 -30.70 4.24
CA GLN B 238 -8.91 -29.31 4.30
C GLN B 238 -9.65 -28.67 5.47
N ALA B 239 -8.92 -28.19 6.48
CA ALA B 239 -9.58 -27.50 7.59
C ALA B 239 -10.23 -26.23 7.06
N ILE B 240 -11.51 -26.03 7.38
CA ILE B 240 -12.26 -24.87 6.89
C ILE B 240 -12.88 -24.03 8.00
N ALA B 241 -12.92 -24.58 9.21
CA ALA B 241 -13.44 -23.80 10.32
C ALA B 241 -12.89 -24.32 11.63
N ILE B 242 -12.52 -23.40 12.51
CA ILE B 242 -12.11 -23.77 13.85
C ILE B 242 -13.05 -23.14 14.87
N ASP B 243 -13.62 -23.98 15.72
CA ASP B 243 -14.42 -23.48 16.81
C ASP B 243 -13.57 -23.49 18.07
N ALA B 244 -13.03 -22.34 18.44
CA ALA B 244 -12.10 -22.25 19.55
C ALA B 244 -12.79 -22.36 20.91
N ASP B 245 -14.12 -22.22 20.92
CA ASP B 245 -14.91 -22.41 22.13
C ASP B 245 -15.04 -23.91 22.41
N ALA B 246 -15.70 -24.61 21.49
CA ALA B 246 -15.88 -26.05 21.59
C ALA B 246 -14.55 -26.79 21.40
N LYS B 247 -13.60 -26.11 20.76
CA LYS B 247 -12.28 -26.68 20.49
C LYS B 247 -12.34 -27.80 19.46
N THR B 248 -12.90 -27.50 18.30
CA THR B 248 -13.02 -28.47 17.23
C THR B 248 -12.53 -27.90 15.90
N ILE B 249 -12.21 -28.80 14.99
CA ILE B 249 -11.84 -28.43 13.65
C ILE B 249 -12.86 -29.06 12.73
N THR B 250 -13.38 -28.26 11.80
CA THR B 250 -14.30 -28.79 10.81
C THR B 250 -13.65 -28.78 9.43
N PHE B 251 -13.68 -29.92 8.75
CA PHE B 251 -13.04 -30.06 7.45
C PHE B 251 -14.08 -29.96 6.34
N SER B 252 -13.62 -29.82 5.10
CA SER B 252 -14.54 -29.61 4.00
C SER B 252 -15.38 -30.85 3.70
N ASN B 253 -14.98 -32.00 4.20
CA ASN B 253 -15.71 -33.24 3.93
C ASN B 253 -16.79 -33.48 4.97
N GLY B 254 -16.91 -32.55 5.92
CA GLY B 254 -17.93 -32.61 6.93
C GLY B 254 -17.47 -33.12 8.27
N GLU B 255 -16.45 -33.98 8.29
CA GLU B 255 -15.97 -34.52 9.55
C GLU B 255 -15.55 -33.39 10.48
N VAL B 256 -15.64 -33.63 11.79
CA VAL B 256 -15.14 -32.67 12.77
C VAL B 256 -14.41 -33.38 13.91
N VAL B 257 -13.23 -32.86 14.27
CA VAL B 257 -12.42 -33.48 15.31
C VAL B 257 -12.06 -32.47 16.39
N SER B 258 -11.89 -32.96 17.61
CA SER B 258 -11.55 -32.08 18.72
C SER B 258 -10.04 -32.04 18.91
N TYR B 259 -9.59 -31.07 19.70
CA TYR B 259 -8.17 -30.91 19.96
C TYR B 259 -8.07 -30.30 21.34
N ASP B 260 -6.96 -30.54 22.03
CA ASP B 260 -6.64 -29.79 23.24
C ASP B 260 -5.60 -28.72 22.87
N TYR B 261 -4.67 -29.09 21.99
CA TYR B 261 -3.76 -28.13 21.39
C TYR B 261 -3.82 -28.24 19.89
N LEU B 262 -3.71 -27.10 19.22
CA LEU B 262 -3.76 -27.06 17.77
C LEU B 262 -2.46 -26.47 17.24
N ILE B 263 -1.70 -27.27 16.50
CA ILE B 263 -0.51 -26.75 15.82
C ILE B 263 -0.92 -26.50 14.38
N SER B 264 -1.17 -25.24 14.07
CA SER B 264 -1.70 -24.86 12.77
C SER B 264 -0.61 -24.22 11.92
N THR B 265 -0.46 -24.72 10.70
CA THR B 265 0.56 -24.18 9.80
C THR B 265 -0.06 -23.56 8.54
N VAL B 266 -1.37 -23.40 8.53
CA VAL B 266 -2.02 -22.71 7.42
C VAL B 266 -1.65 -21.23 7.46
N PRO B 267 -1.84 -20.51 6.35
CA PRO B 267 -1.52 -19.08 6.34
C PRO B 267 -2.26 -18.35 7.45
N PHE B 268 -1.56 -17.45 8.14
CA PHE B 268 -2.08 -16.74 9.29
C PHE B 268 -3.37 -16.01 8.99
N ASP B 269 -3.49 -15.39 7.85
CA ASP B 269 -4.69 -14.68 7.53
C ASP B 269 -5.89 -15.60 7.36
N ASN B 270 -5.71 -16.70 6.66
CA ASN B 270 -6.65 -17.79 6.56
C ASN B 270 -7.10 -18.27 7.94
N LEU B 271 -6.17 -18.44 8.86
CA LEU B 271 -6.50 -18.89 10.18
C LEU B 271 -7.37 -17.91 10.90
N LEU B 272 -7.00 -16.66 10.84
CA LEU B 272 -7.75 -15.58 11.50
C LEU B 272 -9.21 -15.54 11.03
N ARG B 273 -9.42 -15.79 9.74
CA ARG B 273 -10.76 -15.74 9.16
C ARG B 273 -11.63 -16.96 9.46
N MET B 274 -11.00 -18.08 9.78
CA MET B 274 -11.76 -19.32 9.96
C MET B 274 -11.95 -19.69 11.44
N THR B 275 -11.35 -18.91 12.34
CA THR B 275 -11.34 -19.25 13.76
C THR B 275 -12.36 -18.41 14.51
N LYS B 276 -13.42 -19.07 14.96
CA LYS B 276 -14.50 -18.39 15.68
C LYS B 276 -14.48 -18.76 17.15
N GLY B 277 -14.75 -17.77 17.99
CA GLY B 277 -14.78 -17.99 19.43
C GLY B 277 -15.20 -16.78 20.23
N THR B 278 -15.37 -17.00 21.52
CA THR B 278 -15.67 -15.94 22.47
C THR B 278 -14.53 -15.81 23.46
N GLY B 279 -14.34 -14.62 24.02
CA GLY B 279 -13.29 -14.41 25.01
C GLY B 279 -11.97 -13.89 24.46
N PHE B 280 -11.84 -13.83 23.14
CA PHE B 280 -10.62 -13.32 22.50
C PHE B 280 -10.56 -11.79 22.56
N LYS B 281 -9.57 -11.26 23.25
CA LYS B 281 -9.31 -9.82 23.21
C LYS B 281 -8.96 -9.38 21.79
N GLY B 282 -9.66 -8.37 21.28
CA GLY B 282 -9.38 -7.82 19.96
C GLY B 282 -10.03 -8.59 18.83
N TYR B 283 -10.86 -9.56 19.18
CA TYR B 283 -11.52 -10.44 18.21
C TYR B 283 -12.09 -9.74 16.98
N ASP B 284 -12.71 -8.58 17.18
CA ASP B 284 -13.40 -7.87 16.11
C ASP B 284 -12.43 -7.20 15.12
N GLU B 285 -11.16 -7.09 15.49
CA GLU B 285 -10.13 -6.60 14.58
C GLU B 285 -9.61 -7.68 13.63
N TRP B 286 -9.82 -8.95 13.94
CA TRP B 286 -9.25 -10.04 13.17
C TRP B 286 -9.50 -10.00 11.66
N PRO B 287 -10.74 -9.75 11.22
CA PRO B 287 -10.94 -9.67 9.76
C PRO B 287 -10.06 -8.58 9.13
N ALA B 288 -9.83 -7.48 9.84
CA ALA B 288 -9.03 -6.38 9.30
C ALA B 288 -7.55 -6.76 9.28
N ILE B 289 -7.11 -7.38 10.37
CA ILE B 289 -5.73 -7.83 10.47
C ILE B 289 -5.42 -8.78 9.33
N ALA B 290 -6.29 -9.76 9.11
CA ALA B 290 -6.10 -10.72 8.03
C ALA B 290 -5.90 -9.99 6.69
N ASP B 291 -6.79 -9.05 6.41
CA ASP B 291 -6.73 -8.26 5.19
C ASP B 291 -5.43 -7.47 5.04
N LYS B 292 -4.81 -7.09 6.16
CA LYS B 292 -3.60 -6.28 6.11
C LYS B 292 -2.30 -7.10 5.96
N MET B 293 -2.39 -8.42 6.13
CA MET B 293 -1.21 -9.27 6.01
C MET B 293 -0.74 -9.27 4.56
N VAL B 294 0.43 -8.67 4.31
CA VAL B 294 0.96 -8.52 2.96
C VAL B 294 1.79 -9.71 2.52
N TYR B 295 1.58 -10.17 1.29
CA TYR B 295 2.35 -11.28 0.71
C TYR B 295 2.44 -11.12 -0.80
N SER B 296 3.38 -11.83 -1.42
CA SER B 296 3.41 -11.88 -2.88
C SER B 296 3.18 -13.32 -3.35
N SER B 297 2.65 -13.47 -4.56
CA SER B 297 2.54 -14.78 -5.18
C SER B 297 3.82 -15.06 -5.95
N THR B 298 4.09 -16.33 -6.23
CA THR B 298 5.32 -16.73 -6.88
C THR B 298 4.97 -17.64 -8.04
N ASN B 299 5.45 -17.31 -9.23
CA ASN B 299 5.28 -18.16 -10.40
C ASN B 299 6.60 -18.89 -10.66
N VAL B 300 6.54 -20.21 -10.75
CA VAL B 300 7.75 -20.96 -11.07
C VAL B 300 7.60 -21.47 -12.49
N ILE B 301 8.66 -21.33 -13.28
CA ILE B 301 8.63 -21.85 -14.64
C ILE B 301 9.83 -22.78 -14.81
N GLY B 302 9.57 -24.00 -15.27
CA GLY B 302 10.65 -24.95 -15.47
C GLY B 302 10.90 -25.15 -16.94
N ILE B 303 12.18 -25.13 -17.34
CA ILE B 303 12.54 -25.37 -18.72
C ILE B 303 13.60 -26.46 -18.76
N GLY B 304 13.29 -27.59 -19.41
CA GLY B 304 14.28 -28.61 -19.67
C GLY B 304 14.97 -28.25 -20.97
N VAL B 305 16.27 -28.51 -21.07
CA VAL B 305 17.07 -28.09 -22.22
C VAL B 305 17.97 -29.24 -22.69
N LYS B 306 17.97 -29.51 -23.99
CA LYS B 306 18.79 -30.57 -24.54
C LYS B 306 20.28 -30.21 -24.49
N GLY B 307 21.11 -31.16 -24.10
CA GLY B 307 22.55 -30.99 -24.14
C GLY B 307 23.14 -30.64 -22.77
N THR B 308 24.03 -29.65 -22.77
CA THR B 308 24.70 -29.27 -21.54
C THR B 308 24.75 -27.73 -21.44
N PRO B 309 24.86 -27.18 -20.23
CA PRO B 309 24.88 -25.70 -20.15
C PRO B 309 26.12 -25.07 -20.79
N PRO B 310 26.01 -23.82 -21.25
CA PRO B 310 27.17 -23.12 -21.83
C PRO B 310 28.28 -22.89 -20.79
N PRO B 311 29.50 -22.59 -21.26
CA PRO B 311 30.66 -22.48 -20.36
C PRO B 311 30.41 -21.59 -19.13
N HIS B 312 29.81 -20.41 -19.32
CA HIS B 312 29.62 -19.51 -18.18
C HIS B 312 28.62 -20.03 -17.14
N LEU B 313 27.87 -21.08 -17.48
CA LEU B 313 26.89 -21.63 -16.52
C LEU B 313 27.25 -23.04 -16.03
N LYS B 314 28.43 -23.53 -16.41
CA LYS B 314 28.83 -24.89 -16.06
C LYS B 314 28.68 -25.22 -14.56
N THR B 315 29.03 -24.29 -13.69
CA THR B 315 28.96 -24.56 -12.25
C THR B 315 28.08 -23.52 -11.53
N ALA B 316 27.29 -22.77 -12.28
CA ALA B 316 26.45 -21.74 -11.68
C ALA B 316 25.34 -22.40 -10.87
N CYS B 317 24.96 -21.77 -9.76
CA CYS B 317 23.84 -22.25 -8.96
C CYS B 317 22.61 -21.40 -9.26
N TRP B 318 22.50 -20.23 -8.64
CA TRP B 318 21.40 -19.33 -8.99
C TRP B 318 21.88 -17.96 -9.44
N LEU B 319 21.04 -17.29 -10.23
CA LEU B 319 21.40 -16.05 -10.88
C LEU B 319 20.31 -15.01 -10.67
N TYR B 320 20.72 -13.77 -10.41
CA TYR B 320 19.77 -12.68 -10.18
C TYR B 320 19.65 -11.77 -11.38
N PHE B 321 18.45 -11.27 -11.61
CA PHE B 321 18.17 -10.42 -12.78
C PHE B 321 17.40 -9.15 -12.40
N PRO B 322 18.14 -8.09 -12.06
CA PRO B 322 17.53 -6.80 -11.70
C PRO B 322 16.89 -6.07 -12.88
N GLU B 323 17.33 -6.33 -14.10
CA GLU B 323 16.92 -5.51 -15.24
C GLU B 323 15.56 -5.88 -15.84
N ASP B 324 14.99 -4.98 -16.64
CA ASP B 324 13.65 -5.21 -17.20
C ASP B 324 13.65 -6.03 -18.48
N THR B 325 14.79 -6.60 -18.84
CA THR B 325 14.89 -7.40 -20.05
C THR B 325 14.46 -8.86 -19.82
N SER B 326 14.05 -9.17 -18.61
CA SER B 326 13.49 -10.49 -18.31
C SER B 326 12.40 -10.33 -17.27
N PRO B 327 11.42 -11.24 -17.26
CA PRO B 327 10.36 -11.12 -16.24
C PRO B 327 10.77 -11.78 -14.92
N PHE B 328 11.70 -12.72 -14.96
CA PHE B 328 12.08 -13.46 -13.76
C PHE B 328 13.10 -12.69 -12.91
N TYR B 329 12.96 -12.77 -11.59
CA TYR B 329 13.99 -12.14 -10.75
C TYR B 329 15.19 -13.07 -10.54
N ARG B 330 14.93 -14.37 -10.60
CA ARG B 330 15.97 -15.36 -10.35
C ARG B 330 15.83 -16.56 -11.28
N ALA B 331 16.97 -17.13 -11.67
CA ALA B 331 17.02 -18.39 -12.39
C ALA B 331 17.98 -19.33 -11.67
N THR B 332 17.63 -20.61 -11.67
CA THR B 332 18.43 -21.64 -11.04
C THR B 332 18.77 -22.72 -12.06
N VAL B 333 20.06 -23.08 -12.16
CA VAL B 333 20.47 -24.20 -13.01
C VAL B 333 20.34 -25.46 -12.16
N PHE B 334 19.12 -25.95 -12.09
CA PHE B 334 18.75 -26.97 -11.14
C PHE B 334 19.51 -28.26 -11.41
N SER B 335 19.91 -28.47 -12.67
CA SER B 335 20.67 -29.65 -13.04
C SER B 335 22.09 -29.64 -12.46
N ASN B 336 22.61 -28.46 -12.11
CA ASN B 336 23.93 -28.43 -11.50
C ASN B 336 23.96 -28.94 -10.04
N TYR B 337 22.79 -29.08 -9.42
CA TYR B 337 22.73 -29.51 -8.02
C TYR B 337 22.89 -31.03 -7.92
N SER B 338 22.40 -31.74 -8.93
CA SER B 338 22.60 -33.17 -9.02
C SER B 338 22.31 -33.66 -10.44
N LYS B 339 23.23 -34.41 -11.01
CA LYS B 339 23.02 -34.94 -12.36
C LYS B 339 21.76 -35.81 -12.47
N TYR B 340 21.27 -36.35 -11.35
CA TYR B 340 20.05 -37.19 -11.36
C TYR B 340 18.76 -36.37 -11.50
N ASN B 341 18.88 -35.05 -11.43
CA ASN B 341 17.73 -34.17 -11.60
C ASN B 341 17.18 -34.12 -13.03
N VAL B 342 17.98 -34.57 -14.01
CA VAL B 342 17.55 -34.55 -15.41
C VAL B 342 17.86 -35.90 -16.08
N PRO B 343 17.13 -36.23 -17.15
CA PRO B 343 17.52 -37.40 -17.95
C PRO B 343 18.87 -37.17 -18.64
N GLU B 344 19.56 -38.24 -19.03
CA GLU B 344 20.85 -38.12 -19.69
C GLU B 344 20.79 -37.17 -20.88
N GLY B 345 21.83 -36.37 -21.06
CA GLY B 345 21.92 -35.46 -22.19
C GLY B 345 21.04 -34.23 -22.09
N HIS B 346 20.67 -33.85 -20.88
CA HIS B 346 19.87 -32.63 -20.72
C HIS B 346 20.37 -31.80 -19.54
N TRP B 347 19.92 -30.56 -19.48
CA TRP B 347 20.06 -29.76 -18.27
C TRP B 347 18.76 -28.99 -18.06
N SER B 348 18.67 -28.21 -16.99
CA SER B 348 17.40 -27.57 -16.67
C SER B 348 17.53 -26.23 -15.97
N LEU B 349 16.56 -25.37 -16.20
CA LEU B 349 16.43 -24.08 -15.55
C LEU B 349 15.11 -23.99 -14.80
N MET B 350 15.14 -23.38 -13.63
CA MET B 350 13.91 -23.03 -12.92
C MET B 350 13.90 -21.51 -12.81
N LEU B 351 12.83 -20.86 -13.26
CA LEU B 351 12.73 -19.40 -13.25
C LEU B 351 11.64 -18.94 -12.27
N GLU B 352 11.88 -17.84 -11.57
CA GLU B 352 10.87 -17.33 -10.64
C GLU B 352 10.37 -15.95 -11.06
N VAL B 353 9.05 -15.80 -11.09
CA VAL B 353 8.43 -14.51 -11.42
C VAL B 353 7.41 -14.12 -10.34
N SER B 354 7.62 -13.00 -9.66
CA SER B 354 6.72 -12.61 -8.55
C SER B 354 5.48 -11.93 -9.08
N GLU B 355 4.48 -11.83 -8.22
CA GLU B 355 3.19 -11.32 -8.60
C GLU B 355 2.47 -10.78 -7.37
N SER B 356 1.80 -9.65 -7.51
CA SER B 356 0.99 -9.07 -6.44
C SER B 356 0.04 -8.04 -7.04
N LYS B 357 -0.74 -7.38 -6.19
CA LYS B 357 -1.58 -6.25 -6.62
C LYS B 357 -0.75 -5.11 -7.21
N TYR B 358 0.49 -4.96 -6.76
CA TYR B 358 1.33 -3.89 -7.29
C TYR B 358 1.94 -4.28 -8.61
N LYS B 359 1.96 -5.58 -8.90
CA LYS B 359 2.74 -6.09 -10.03
C LYS B 359 1.95 -7.23 -10.67
N PRO B 360 0.97 -6.87 -11.52
CA PRO B 360 0.20 -7.93 -12.17
C PRO B 360 1.07 -8.67 -13.17
N VAL B 361 0.73 -9.94 -13.39
CA VAL B 361 1.43 -10.79 -14.33
C VAL B 361 0.42 -11.31 -15.34
N ASN B 362 0.78 -11.19 -16.63
CA ASN B 362 -0.01 -11.77 -17.70
C ASN B 362 0.33 -13.26 -17.86
N HIS B 363 -0.55 -14.14 -17.37
CA HIS B 363 -0.28 -15.57 -17.40
C HIS B 363 -0.44 -16.23 -18.76
N SER B 364 -1.13 -15.56 -19.67
CA SER B 364 -1.37 -16.15 -20.97
C SER B 364 -0.05 -16.26 -21.74
N THR B 365 0.88 -15.37 -21.41
CA THR B 365 2.11 -15.19 -22.17
C THR B 365 3.38 -15.51 -21.37
N LEU B 366 3.20 -16.03 -20.17
CA LEU B 366 4.29 -16.13 -19.19
C LEU B 366 5.47 -17.01 -19.64
N ILE B 367 5.20 -18.26 -20.03
CA ILE B 367 6.30 -19.15 -20.36
C ILE B 367 7.11 -18.59 -21.52
N GLU B 368 6.39 -18.05 -22.51
CA GLU B 368 7.01 -17.41 -23.67
C GLU B 368 7.81 -16.17 -23.26
N ASP B 369 7.25 -15.36 -22.37
CA ASP B 369 7.94 -14.19 -21.85
C ASP B 369 9.23 -14.59 -21.13
N CYS B 370 9.19 -15.71 -20.41
CA CYS B 370 10.37 -16.20 -19.71
C CYS B 370 11.44 -16.65 -20.73
N ILE B 371 11.01 -17.31 -21.80
CA ILE B 371 11.96 -17.76 -22.81
C ILE B 371 12.60 -16.57 -23.52
N VAL B 372 11.80 -15.57 -23.86
CA VAL B 372 12.33 -14.32 -24.40
C VAL B 372 13.34 -13.72 -23.42
N GLY B 373 13.02 -13.80 -22.13
CA GLY B 373 13.90 -13.25 -21.12
C GLY B 373 15.22 -14.02 -21.06
N CYS B 374 15.14 -15.34 -21.20
CA CYS B 374 16.32 -16.19 -21.21
C CYS B 374 17.25 -15.86 -22.38
N LEU B 375 16.67 -15.61 -23.55
CA LEU B 375 17.46 -15.34 -24.74
C LEU B 375 18.15 -13.98 -24.63
N ALA B 376 17.53 -13.08 -23.88
CA ALA B 376 18.04 -11.73 -23.73
C ALA B 376 18.99 -11.61 -22.56
N SER B 377 19.06 -12.65 -21.73
CA SER B 377 19.82 -12.58 -20.49
C SER B 377 20.92 -13.63 -20.43
N ASN B 378 21.29 -14.17 -21.59
CA ASN B 378 22.39 -15.10 -21.63
C ASN B 378 22.12 -16.41 -20.92
N LEU B 379 20.88 -16.88 -20.93
CA LEU B 379 20.58 -18.17 -20.31
C LEU B 379 20.37 -19.23 -21.37
N LEU B 380 19.78 -18.81 -22.48
CA LEU B 380 19.49 -19.72 -23.59
C LEU B 380 19.89 -19.06 -24.89
N LEU B 381 20.17 -19.88 -25.88
CA LEU B 381 20.44 -19.41 -27.24
C LEU B 381 19.30 -19.83 -28.18
N PRO B 382 19.16 -19.13 -29.32
CA PRO B 382 18.06 -19.42 -30.25
C PRO B 382 18.04 -20.88 -30.66
N GLU B 383 19.22 -21.50 -30.64
CA GLU B 383 19.36 -22.88 -31.10
C GLU B 383 19.06 -23.90 -30.01
N ASP B 384 18.84 -23.45 -28.78
CA ASP B 384 18.55 -24.40 -27.71
C ASP B 384 17.23 -25.14 -27.94
N LEU B 385 17.22 -26.44 -27.67
CA LEU B 385 16.04 -27.27 -27.88
C LEU B 385 15.38 -27.51 -26.53
N LEU B 386 14.19 -26.95 -26.35
CA LEU B 386 13.54 -26.97 -25.05
C LEU B 386 12.52 -28.08 -24.94
N VAL B 387 12.49 -28.73 -23.79
CA VAL B 387 11.50 -29.77 -23.51
C VAL B 387 10.93 -29.56 -22.09
N SER B 388 9.87 -30.28 -21.75
CA SER B 388 9.34 -30.27 -20.38
C SER B 388 9.04 -28.90 -19.82
N LYS B 389 8.69 -27.94 -20.66
CA LYS B 389 8.24 -26.63 -20.19
C LYS B 389 7.04 -26.74 -19.25
N TRP B 390 7.09 -26.08 -18.10
CA TRP B 390 5.95 -26.05 -17.18
C TRP B 390 5.94 -24.81 -16.30
N HIS B 391 4.77 -24.53 -15.73
CA HIS B 391 4.55 -23.37 -14.90
C HIS B 391 3.61 -23.73 -13.77
N TYR B 392 3.90 -23.22 -12.59
CA TYR B 392 2.99 -23.36 -11.46
C TYR B 392 2.92 -22.02 -10.75
N ARG B 393 1.71 -21.62 -10.39
CA ARG B 393 1.48 -20.36 -9.68
C ARG B 393 1.17 -20.64 -8.22
N ILE B 394 2.00 -20.07 -7.34
CA ILE B 394 1.80 -20.22 -5.90
C ILE B 394 1.14 -18.96 -5.36
N GLU B 395 -0.04 -19.09 -4.75
CA GLU B 395 -0.77 -17.91 -4.29
C GLU B 395 0.01 -17.18 -3.21
N LYS B 396 0.45 -17.93 -2.19
CA LYS B 396 1.24 -17.33 -1.13
C LYS B 396 2.67 -17.86 -1.14
N GLY B 397 3.57 -17.10 -1.77
CA GLY B 397 4.96 -17.49 -1.89
C GLY B 397 5.88 -16.87 -0.84
N TYR B 398 5.87 -15.54 -0.76
CA TYR B 398 6.67 -14.82 0.23
C TYR B 398 5.77 -14.05 1.18
N PRO B 399 5.99 -14.22 2.49
CA PRO B 399 5.35 -13.39 3.52
C PRO B 399 6.13 -12.08 3.67
N THR B 400 5.61 -11.00 3.10
CA THR B 400 6.36 -9.75 3.04
C THR B 400 6.69 -9.24 4.44
N PRO B 401 7.96 -8.85 4.67
CA PRO B 401 8.21 -8.23 5.98
C PRO B 401 7.78 -6.77 5.91
N PHE B 402 6.46 -6.55 5.94
CA PHE B 402 5.87 -5.23 5.75
C PHE B 402 5.90 -4.40 7.03
N ILE B 403 5.96 -3.09 6.87
CA ILE B 403 5.95 -2.20 8.02
C ILE B 403 4.65 -2.38 8.80
N GLY B 404 4.78 -2.71 10.08
CA GLY B 404 3.61 -2.94 10.92
C GLY B 404 3.35 -4.42 11.18
N ARG B 405 4.08 -5.29 10.49
CA ARG B 405 3.83 -6.73 10.64
C ARG B 405 3.85 -7.21 12.11
N ASN B 406 4.91 -6.88 12.85
CA ASN B 406 5.04 -7.34 14.23
C ASN B 406 3.91 -6.84 15.11
N ASN B 407 3.51 -5.59 14.91
CA ASN B 407 2.41 -4.99 15.66
C ASN B 407 1.13 -5.78 15.43
N LEU B 408 0.85 -6.13 14.18
CA LEU B 408 -0.32 -6.94 13.85
C LEU B 408 -0.23 -8.33 14.49
N LEU B 409 0.93 -8.96 14.38
CA LEU B 409 1.09 -10.31 14.92
C LEU B 409 0.97 -10.32 16.45
N GLU B 410 1.51 -9.30 17.09
CA GLU B 410 1.48 -9.23 18.55
C GLU B 410 0.04 -9.02 19.05
N LYS B 411 -0.82 -8.48 18.20
CA LYS B 411 -2.21 -8.28 18.57
C LYS B 411 -2.95 -9.60 18.71
N ALA B 412 -2.66 -10.55 17.83
CA ALA B 412 -3.47 -11.76 17.74
C ALA B 412 -2.78 -13.05 18.17
N GLN B 413 -1.49 -13.21 17.84
CA GLN B 413 -0.75 -14.41 18.21
C GLN B 413 -0.89 -14.82 19.68
N PRO B 414 -0.67 -13.88 20.62
CA PRO B 414 -0.71 -14.27 22.04
C PRO B 414 -2.11 -14.69 22.48
N GLU B 415 -3.14 -14.11 21.86
CA GLU B 415 -4.50 -14.49 22.16
C GLU B 415 -4.79 -15.91 21.68
N LEU B 416 -4.38 -16.22 20.46
CA LEU B 416 -4.48 -17.58 19.93
C LEU B 416 -3.74 -18.59 20.81
N MET B 417 -2.49 -18.27 21.15
CA MET B 417 -1.67 -19.17 21.96
C MET B 417 -2.28 -19.44 23.33
N SER B 418 -2.82 -18.39 23.95
CA SER B 418 -3.41 -18.54 25.26
C SER B 418 -4.59 -19.50 25.17
N ARG B 419 -5.22 -19.56 24.01
CA ARG B 419 -6.30 -20.52 23.78
C ARG B 419 -5.82 -21.79 23.08
N CYS B 420 -4.53 -22.09 23.23
CA CYS B 420 -3.94 -23.36 22.80
C CYS B 420 -3.86 -23.56 21.29
N ILE B 421 -3.89 -22.45 20.54
CA ILE B 421 -3.73 -22.51 19.11
C ILE B 421 -2.38 -21.88 18.73
N TYR B 422 -1.47 -22.71 18.23
CA TYR B 422 -0.14 -22.26 17.84
C TYR B 422 -0.09 -22.13 16.33
N SER B 423 0.03 -20.90 15.84
CA SER B 423 0.12 -20.61 14.40
C SER B 423 1.59 -20.40 14.03
N ARG B 424 2.16 -21.36 13.29
CA ARG B 424 3.60 -21.43 13.06
C ARG B 424 3.95 -21.75 11.61
N GLY B 425 5.18 -21.37 11.21
CA GLY B 425 5.65 -21.68 9.86
C GLY B 425 5.81 -20.45 8.98
N ARG B 426 6.13 -20.67 7.71
CA ARG B 426 6.41 -19.55 6.83
C ARG B 426 5.22 -18.58 6.76
N PHE B 427 4.04 -19.09 6.44
CA PHE B 427 2.86 -18.23 6.52
C PHE B 427 2.08 -18.40 7.85
N GLY B 428 2.32 -19.49 8.57
CA GLY B 428 1.68 -19.67 9.86
C GLY B 428 2.08 -18.58 10.82
N ALA B 429 3.35 -18.17 10.77
CA ALA B 429 3.86 -17.13 11.66
C ALA B 429 4.23 -15.86 10.90
N TRP B 430 4.33 -15.98 9.57
CA TRP B 430 4.50 -14.82 8.69
C TRP B 430 5.83 -14.07 8.88
N ARG B 431 6.86 -14.76 9.36
CA ARG B 431 8.15 -14.10 9.52
C ARG B 431 9.15 -14.64 8.51
N TYR B 432 9.32 -13.89 7.42
CA TYR B 432 10.27 -14.24 6.37
C TYR B 432 11.68 -14.55 6.92
N GLU B 433 12.14 -13.80 7.91
CA GLU B 433 13.52 -13.95 8.33
C GLU B 433 13.76 -15.29 9.03
N VAL B 434 12.69 -15.95 9.46
CA VAL B 434 12.78 -17.33 9.89
C VAL B 434 11.80 -18.18 9.08
N GLY B 435 11.90 -18.05 7.76
CA GLY B 435 10.94 -18.67 6.85
C GLY B 435 11.47 -19.77 5.95
N ASN B 436 12.72 -20.21 6.17
CA ASN B 436 13.30 -21.30 5.37
C ASN B 436 12.89 -22.66 5.93
N GLN B 437 13.26 -23.73 5.23
CA GLN B 437 12.83 -25.07 5.62
C GLN B 437 13.27 -25.45 7.02
N ASP B 438 14.53 -25.14 7.35
CA ASP B 438 15.03 -25.51 8.65
C ASP B 438 14.30 -24.71 9.70
N HIS B 439 14.15 -23.40 9.49
CA HIS B 439 13.41 -22.58 10.44
C HIS B 439 12.02 -23.16 10.69
N SER B 440 11.36 -23.52 9.60
CA SER B 440 9.96 -23.95 9.68
C SER B 440 9.87 -25.25 10.45
N PHE B 441 10.65 -26.24 10.04
CA PHE B 441 10.69 -27.52 10.72
C PHE B 441 10.88 -27.33 12.22
N MET B 442 11.82 -26.46 12.59
CA MET B 442 12.14 -26.26 14.00
C MET B 442 11.05 -25.48 14.74
N GLN B 443 10.34 -24.60 14.03
CA GLN B 443 9.19 -23.95 14.63
C GLN B 443 8.17 -25.03 15.05
N GLY B 444 8.04 -26.07 14.23
CA GLY B 444 7.22 -27.22 14.58
C GLY B 444 7.74 -27.98 15.80
N VAL B 445 9.04 -28.27 15.82
CA VAL B 445 9.66 -28.95 16.95
C VAL B 445 9.54 -28.12 18.21
N GLU B 446 9.84 -26.83 18.10
CA GLU B 446 9.80 -25.95 19.26
C GLU B 446 8.39 -25.75 19.80
N ALA B 447 7.39 -25.81 18.94
CA ALA B 447 6.02 -25.64 19.41
C ALA B 447 5.62 -26.81 20.29
N ILE B 448 5.94 -28.02 19.85
CA ILE B 448 5.64 -29.22 20.61
C ILE B 448 6.36 -29.17 21.97
N ASP B 449 7.63 -28.80 21.96
CA ASP B 449 8.38 -28.64 23.21
C ASP B 449 7.67 -27.69 24.16
N HIS B 450 7.03 -26.67 23.62
CA HIS B 450 6.38 -25.66 24.45
C HIS B 450 5.07 -26.21 25.01
N VAL B 451 4.28 -26.80 24.12
CA VAL B 451 3.01 -27.41 24.49
C VAL B 451 3.17 -28.42 25.63
N LEU B 452 4.15 -29.29 25.52
CA LEU B 452 4.39 -30.34 26.51
C LEU B 452 5.18 -29.84 27.72
N GLY B 453 5.54 -28.56 27.69
CA GLY B 453 6.31 -27.98 28.78
C GLY B 453 7.73 -28.51 28.94
N LEU B 454 8.32 -28.98 27.84
CA LEU B 454 9.73 -29.40 27.86
C LEU B 454 10.65 -28.19 27.64
N ALA B 455 10.05 -27.05 27.33
CA ALA B 455 10.80 -25.82 27.10
C ALA B 455 9.88 -24.64 27.41
N THR B 456 10.45 -23.54 27.88
CA THR B 456 9.66 -22.38 28.28
C THR B 456 9.54 -21.34 27.17
N GLU B 457 10.44 -21.39 26.19
CA GLU B 457 10.42 -20.44 25.09
C GLU B 457 10.37 -21.14 23.73
N GLU B 458 9.85 -20.45 22.72
CA GLU B 458 9.95 -20.88 21.33
C GLU B 458 10.88 -19.89 20.60
N THR B 459 12.18 -20.14 20.63
CA THR B 459 13.15 -19.13 20.22
C THR B 459 13.14 -18.75 18.73
N THR B 460 12.90 -19.72 17.84
CA THR B 460 12.91 -19.38 16.43
C THR B 460 11.79 -18.37 16.08
N VAL B 461 10.55 -18.72 16.39
CA VAL B 461 9.45 -17.84 16.03
C VAL B 461 9.48 -16.50 16.78
N ALA B 462 10.09 -16.48 17.96
CA ALA B 462 10.05 -15.28 18.81
C ALA B 462 11.30 -14.40 18.78
N ASN B 463 12.47 -15.01 18.67
CA ASN B 463 13.74 -14.28 18.71
C ASN B 463 14.66 -14.70 17.59
N PRO B 464 14.40 -14.22 16.36
CA PRO B 464 15.15 -14.59 15.16
C PRO B 464 16.63 -14.18 15.24
N GLY B 465 16.93 -13.09 15.94
CA GLY B 465 18.31 -12.67 16.11
C GLY B 465 19.16 -13.73 16.80
N ARG B 466 18.51 -14.65 17.50
CA ARG B 466 19.18 -15.74 18.21
C ARG B 466 19.70 -16.84 17.26
N VAL B 467 18.79 -17.47 16.52
CA VAL B 467 19.15 -18.53 15.58
C VAL B 467 20.03 -18.04 14.43
N ASN B 468 19.73 -16.85 13.91
CA ASN B 468 20.51 -16.27 12.83
C ASN B 468 21.65 -15.38 13.37
N THR B 474 19.20 -29.88 21.16
CA THR B 474 20.33 -30.81 21.19
C THR B 474 20.34 -31.68 19.92
N HIS B 475 20.47 -32.99 20.07
CA HIS B 475 20.50 -33.91 18.92
C HIS B 475 19.18 -34.67 18.74
N PHE B 476 18.86 -34.99 17.50
CA PHE B 476 17.71 -35.85 17.21
C PHE B 476 18.02 -37.27 17.65
N GLY B 477 17.16 -37.82 18.51
CA GLY B 477 17.42 -39.12 19.12
C GLY B 477 16.98 -40.32 18.31
N LEU B 478 16.58 -40.09 17.06
CA LEU B 478 16.04 -41.16 16.20
C LEU B 478 14.78 -41.77 16.81
N LEU B 479 14.39 -42.91 16.28
CA LEU B 479 13.21 -43.62 16.76
C LEU B 479 13.59 -44.99 17.31
PA FAD C . -18.60 16.08 -6.60
O1A FAD C . -18.32 14.72 -5.93
O2A FAD C . -18.72 17.25 -5.76
O5B FAD C . -19.82 16.17 -7.46
C5B FAD C . -20.10 15.05 -8.29
C4B FAD C . -21.57 14.73 -8.52
O4B FAD C . -21.73 13.77 -9.51
C3B FAD C . -22.25 14.20 -7.30
O3B FAD C . -23.38 14.90 -6.96
C2B FAD C . -22.66 12.82 -7.64
O2B FAD C . -23.84 12.42 -7.08
C1B FAD C . -22.76 12.91 -9.11
N9A FAD C . -22.61 11.64 -9.77
C8A FAD C . -21.56 10.77 -9.61
N7A FAD C . -21.74 9.69 -10.36
C5A FAD C . -22.91 9.83 -11.08
C6A FAD C . -23.57 9.03 -11.99
N6A FAD C . -22.98 7.78 -12.39
N1A FAD C . -24.74 9.44 -12.51
C2A FAD C . -25.30 10.63 -12.17
N3A FAD C . -24.67 11.44 -11.26
C4A FAD C . -23.49 11.07 -10.70
N1 FAD C . -13.30 22.35 -1.18
C2 FAD C . -13.18 23.72 -0.79
O2 FAD C . -13.19 24.68 -1.74
N3 FAD C . -13.05 24.09 0.53
C4 FAD C . -13.02 23.14 1.52
O4 FAD C . -12.90 23.51 2.82
C4X FAD C . -13.18 21.70 1.18
N5 FAD C . -13.22 20.71 2.15
C5X FAD C . -13.39 19.39 1.79
C6 FAD C . -13.42 18.43 2.80
C7 FAD C . -13.60 17.09 2.47
C7M FAD C . -13.62 16.09 3.60
C8 FAD C . -13.76 16.70 1.14
C8M FAD C . -13.95 15.27 0.77
C9 FAD C . -13.72 17.67 0.13
C9A FAD C . -13.55 19.01 0.45
N10 FAD C . -13.53 20.02 -0.58
C10 FAD C . -13.34 21.36 -0.21
C1' FAD C . -13.64 19.71 -2.02
C2' FAD C . -15.02 19.75 -2.60
O2' FAD C . -15.82 18.79 -2.02
C3' FAD C . -14.86 19.50 -4.11
O3' FAD C . -13.97 20.39 -4.66
C4' FAD C . -16.13 19.54 -4.92
O4' FAD C . -17.19 19.00 -4.22
C5' FAD C . -15.88 18.75 -6.19
O5' FAD C . -16.94 18.95 -7.09
P FAD C . -17.13 17.91 -8.28
O1P FAD C . -15.89 17.80 -9.25
O2P FAD C . -18.55 18.37 -8.78
O3P FAD C . -17.53 16.52 -7.53
N1 UDP D . 0.32 20.24 6.01
C2 UDP D . 1.58 20.80 6.42
N3 UDP D . 1.69 21.47 7.69
C4 UDP D . 0.56 21.57 8.52
C5 UDP D . -0.74 20.98 8.09
C6 UDP D . -0.83 20.35 6.85
O2 UDP D . 2.54 20.75 5.65
O4 UDP D . 0.63 22.12 9.61
C1' UDP D . 0.22 19.57 4.73
C2' UDP D . -0.18 18.13 4.88
O2' UDP D . 0.77 17.33 4.27
C3' UDP D . -1.48 18.02 4.22
C4' UDP D . -1.49 19.20 3.29
O4' UDP D . -0.73 20.21 3.92
O3' UDP D . -1.63 16.82 3.53
C5' UDP D . -2.88 19.76 2.95
O5' UDP D . -3.58 19.83 4.15
PA UDP D . -4.91 20.68 4.28
O1A UDP D . -5.67 20.62 5.67
O2A UDP D . -4.31 22.06 3.79
O3A UDP D . -5.70 20.31 2.95
PB UDP D . -6.88 19.29 2.94
O1B UDP D . -6.63 18.01 3.68
O2B UDP D . -8.06 19.99 3.58
O3B UDP D . -7.18 19.02 1.49
S SO4 E . -11.09 -0.04 -6.91
O1 SO4 E . -10.32 -0.93 -7.78
O2 SO4 E . -10.14 0.77 -6.13
O3 SO4 E . -11.91 -0.83 -6.00
O4 SO4 E . -11.96 0.84 -7.69
PA FAD F . 4.25 -24.91 3.80
O1A FAD F . 5.41 -25.45 2.93
O2A FAD F . 3.36 -23.92 3.19
O5B FAD F . 3.27 -25.94 4.24
C5B FAD F . 1.92 -25.67 4.58
C4B FAD F . 1.06 -26.94 4.43
O4B FAD F . -0.20 -26.83 5.02
C3B FAD F . 0.82 -27.33 3.00
O3B FAD F . 1.12 -28.66 2.77
C2B FAD F . -0.64 -27.09 2.79
O2B FAD F . -1.22 -27.97 1.90
C1B FAD F . -1.15 -27.34 4.14
N9A FAD F . -2.40 -26.67 4.39
C8A FAD F . -2.64 -25.32 4.23
N7A FAD F . -3.91 -25.05 4.57
C5A FAD F . -4.54 -26.23 4.97
C6A FAD F . -5.81 -26.53 5.41
N6A FAD F . -6.81 -25.48 5.53
N1A FAD F . -6.13 -27.80 5.73
C2A FAD F . -5.21 -28.80 5.63
N3A FAD F . -3.95 -28.53 5.20
C4A FAD F . -3.59 -27.28 4.85
N1 FAD F . 13.47 -22.75 2.04
C2 FAD F . 14.77 -23.30 2.19
O2 FAD F . 15.10 -23.82 3.40
N3 FAD F . 15.67 -23.30 1.13
C4 FAD F . 15.30 -22.75 -0.09
O4 FAD F . 16.17 -22.75 -1.14
C4X FAD F . 13.92 -22.21 -0.30
N5 FAD F . 13.47 -21.72 -1.53
C5X FAD F . 12.17 -21.25 -1.66
C6 FAD F . 11.75 -20.76 -2.90
C7 FAD F . 10.44 -20.29 -3.06
C7M FAD F . 10.02 -19.77 -4.42
C8 FAD F . 9.56 -20.33 -1.98
C8M FAD F . 8.16 -19.84 -2.12
C9 FAD F . 9.98 -20.82 -0.73
C9A FAD F . 11.27 -21.28 -0.57
N10 FAD F . 11.71 -21.81 0.70
C10 FAD F . 13.02 -22.26 0.83
C1' FAD F . 10.85 -21.83 1.90
C2' FAD F . 10.10 -23.13 2.13
O2' FAD F . 9.22 -23.37 1.08
C3' FAD F . 9.40 -23.00 3.50
O3' FAD F . 10.34 -22.75 4.48
C4' FAD F . 8.59 -24.18 3.99
O4' FAD F . 7.98 -24.81 2.92
C5' FAD F . 7.56 -23.68 4.99
O5' FAD F . 6.98 -24.81 5.60
P FAD F . 5.50 -24.81 6.23
O1P FAD F . 5.07 -26.18 6.86
O2P FAD F . 5.65 -23.52 7.14
O3P FAD F . 4.56 -24.16 5.05
N1 UDP G . 20.19 -9.11 -2.00
C2 UDP G . 21.33 -8.25 -1.89
N3 UDP G . 22.40 -8.35 -2.84
C4 UDP G . 22.34 -9.32 -3.86
C5 UDP G . 21.15 -10.22 -3.99
C6 UDP G . 20.11 -10.10 -3.07
O2 UDP G . 21.38 -7.43 -0.97
O4 UDP G . 23.27 -9.41 -4.66
C1' UDP G . 19.10 -8.98 -1.08
C2' UDP G . 17.80 -8.66 -1.77
O2' UDP G . 17.25 -7.52 -1.24
C3' UDP G . 16.95 -9.82 -1.54
C4' UDP G . 17.53 -10.42 -0.30
O4' UDP G . 18.92 -10.16 -0.36
O3' UDP G . 15.60 -9.48 -1.35
C5' UDP G . 17.29 -11.93 -0.10
O5' UDP G . 17.45 -12.60 -1.31
PA UDP G . 17.86 -14.12 -1.23
O1A UDP G . 19.21 -14.44 -0.43
O2A UDP G . 17.76 -14.51 -2.74
O3A UDP G . 16.53 -14.73 -0.60
PB UDP G . 15.23 -15.29 -1.21
O1B UDP G . 15.44 -16.65 -1.83
O2B UDP G . 14.26 -15.37 -0.05
O3B UDP G . 14.67 -14.31 -2.22
#